data_6MD3
#
_entry.id   6MD3
#
_cell.length_a   89.570
_cell.length_b   89.570
_cell.length_c   321.610
_cell.angle_alpha   90.000
_cell.angle_beta   90.000
_cell.angle_gamma   120.000
#
_symmetry.space_group_name_H-M   'P 65'
#
loop_
_entity.id
_entity.type
_entity.pdbx_description
1 polymer 'Rrp44p homologue'
2 non-polymer 'MANGANESE (II) ION'
3 non-polymer 'ZINC ION'
4 non-polymer 'CHLORIDE ION'
5 water water
#
_entity_poly.entity_id   1
_entity_poly.type   'polypeptide(L)'
_entity_poly.pdbx_seq_one_letter_code
;ITRSDIGCGTVGCKLCASTACQNSGNSSSLVPTAPIMIPDAVTILHNMNAMEDARIQNIVLLSTVMSEVQERNKAIYARL
QRLVGGERKQCYVFSNDRHEQTHCVMQSEETRSDFNDRCVRVAGRWYAQHLALAFPAVTGVAEIPSVVLVSHDKLLQSAP
NSAQAEENISNLSCLTLRQFLAGCVTAGTDLLEMILEHHHHHH
;
_entity_poly.pdbx_strand_id   A,B,C,D,E,F
#
# COMPACT_ATOMS: atom_id res chain seq x y z
N ASP A 5 24.85 -6.95 -9.73
CA ASP A 5 23.65 -7.35 -10.47
C ASP A 5 23.21 -8.82 -10.19
N ILE A 6 23.98 -9.59 -9.38
CA ILE A 6 23.69 -10.99 -9.08
C ILE A 6 22.96 -11.14 -7.73
N GLY A 7 21.70 -11.56 -7.80
CA GLY A 7 20.88 -11.81 -6.63
C GLY A 7 21.06 -13.22 -6.08
N CYS A 8 20.53 -13.43 -4.87
CA CYS A 8 20.53 -14.71 -4.16
C CYS A 8 19.40 -15.64 -4.64
N GLY A 9 18.40 -15.10 -5.31
CA GLY A 9 17.27 -15.85 -5.83
C GLY A 9 16.22 -16.25 -4.82
N THR A 10 16.27 -15.68 -3.61
CA THR A 10 15.34 -15.95 -2.52
C THR A 10 14.17 -14.97 -2.54
N VAL A 11 12.93 -15.53 -2.50
CA VAL A 11 11.66 -14.80 -2.50
C VAL A 11 11.56 -13.88 -1.25
N GLY A 12 11.20 -12.62 -1.50
CA GLY A 12 11.01 -11.61 -0.47
C GLY A 12 12.28 -11.00 0.10
N CYS A 13 13.42 -11.18 -0.60
CA CYS A 13 14.70 -10.60 -0.16
C CYS A 13 14.74 -9.12 -0.52
N LYS A 14 14.80 -8.25 0.49
CA LYS A 14 14.83 -6.80 0.32
C LYS A 14 16.21 -6.32 -0.14
N LEU A 15 17.28 -7.07 0.19
CA LEU A 15 18.67 -6.77 -0.20
C LEU A 15 18.87 -6.88 -1.71
N CYS A 16 18.23 -7.87 -2.32
CA CYS A 16 18.35 -8.14 -3.76
C CYS A 16 17.19 -7.53 -4.58
N ALA A 17 16.16 -6.96 -3.89
CA ALA A 17 15.01 -6.31 -4.52
C ALA A 17 15.43 -5.07 -5.31
N SER A 28 13.33 -14.97 -8.64
CA SER A 28 13.42 -15.49 -7.27
C SER A 28 12.51 -16.70 -7.05
N SER A 29 13.12 -17.81 -6.64
CA SER A 29 12.45 -19.09 -6.45
C SER A 29 12.68 -19.71 -5.02
N LEU A 30 13.85 -19.46 -4.41
CA LEU A 30 14.22 -19.96 -3.08
C LEU A 30 13.37 -19.40 -1.94
N VAL A 31 13.07 -20.24 -0.93
CA VAL A 31 12.34 -19.84 0.28
C VAL A 31 13.30 -19.83 1.48
N PRO A 32 13.21 -18.83 2.39
CA PRO A 32 14.08 -18.84 3.59
C PRO A 32 13.55 -19.74 4.72
N THR A 33 12.34 -20.32 4.54
CA THR A 33 11.63 -21.12 5.56
C THR A 33 12.01 -22.61 5.53
N ALA A 34 12.88 -22.98 4.58
CA ALA A 34 13.41 -24.31 4.41
C ALA A 34 14.92 -24.19 4.24
N PRO A 35 15.74 -25.24 4.54
CA PRO A 35 17.19 -25.13 4.32
C PRO A 35 17.51 -24.90 2.85
N ILE A 36 18.53 -24.08 2.62
CA ILE A 36 19.02 -23.75 1.29
C ILE A 36 20.12 -24.78 0.99
N MET A 37 19.82 -25.68 0.04
CA MET A 37 20.72 -26.76 -0.35
C MET A 37 21.67 -26.29 -1.42
N ILE A 38 22.97 -26.39 -1.14
CA ILE A 38 23.99 -26.04 -2.11
C ILE A 38 24.82 -27.30 -2.43
N PRO A 39 24.37 -28.13 -3.41
CA PRO A 39 25.16 -29.34 -3.75
C PRO A 39 26.41 -29.06 -4.60
N ASP A 40 27.48 -29.84 -4.38
CA ASP A 40 28.69 -29.79 -5.20
C ASP A 40 28.46 -30.69 -6.44
N ALA A 41 29.37 -30.67 -7.42
CA ALA A 41 29.26 -31.46 -8.66
C ALA A 41 29.14 -32.98 -8.44
N VAL A 42 29.94 -33.56 -7.49
CA VAL A 42 29.95 -34.99 -7.14
C VAL A 42 28.54 -35.47 -6.68
N THR A 43 27.83 -34.64 -5.88
CA THR A 43 26.47 -34.89 -5.40
C THR A 43 25.46 -35.00 -6.56
N ILE A 44 25.52 -34.06 -7.51
CA ILE A 44 24.66 -34.02 -8.69
C ILE A 44 24.93 -35.23 -9.59
N LEU A 45 26.22 -35.50 -9.89
CA LEU A 45 26.69 -36.61 -10.71
C LEU A 45 26.27 -37.98 -10.15
N HIS A 46 26.31 -38.15 -8.82
CA HIS A 46 25.96 -39.40 -8.16
C HIS A 46 24.49 -39.55 -7.79
N ASN A 47 23.74 -38.44 -7.67
CA ASN A 47 22.32 -38.45 -7.26
C ASN A 47 21.40 -37.61 -8.14
N MET A 48 21.55 -37.70 -9.47
CA MET A 48 20.73 -36.93 -10.40
C MET A 48 19.23 -37.31 -10.34
N ASN A 49 18.93 -38.60 -10.09
CA ASN A 49 17.55 -39.11 -9.94
C ASN A 49 16.85 -38.46 -8.74
N ALA A 50 17.59 -38.24 -7.65
CA ALA A 50 17.16 -37.57 -6.42
C ALA A 50 16.93 -36.08 -6.67
N MET A 51 17.86 -35.42 -7.41
CA MET A 51 17.79 -34.01 -7.78
C MET A 51 16.50 -33.70 -8.56
N GLU A 52 16.12 -34.61 -9.47
CA GLU A 52 14.93 -34.54 -10.34
C GLU A 52 13.62 -34.84 -9.59
N ASP A 53 13.69 -35.46 -8.41
CA ASP A 53 12.54 -35.82 -7.59
C ASP A 53 11.93 -34.56 -6.94
N ALA A 54 10.59 -34.47 -7.01
CA ALA A 54 9.76 -33.38 -6.50
C ALA A 54 9.90 -33.13 -4.99
N ARG A 55 10.31 -34.17 -4.23
CA ARG A 55 10.52 -34.09 -2.78
C ARG A 55 11.81 -33.31 -2.42
N ILE A 56 12.72 -33.12 -3.40
CA ILE A 56 13.95 -32.33 -3.21
C ILE A 56 13.72 -30.92 -3.80
N GLN A 57 13.64 -29.92 -2.91
CA GLN A 57 13.40 -28.53 -3.27
C GLN A 57 14.41 -27.62 -2.60
N ASN A 58 14.41 -26.31 -2.99
CA ASN A 58 15.26 -25.23 -2.43
C ASN A 58 16.76 -25.44 -2.70
N ILE A 59 17.11 -25.59 -3.99
CA ILE A 59 18.45 -25.87 -4.49
C ILE A 59 19.15 -24.67 -5.12
N VAL A 60 20.40 -24.40 -4.68
CA VAL A 60 21.25 -23.39 -5.30
C VAL A 60 22.16 -24.12 -6.23
N LEU A 61 22.07 -23.80 -7.54
CA LEU A 61 22.96 -24.32 -8.57
C LEU A 61 24.04 -23.28 -8.85
N LEU A 62 25.24 -23.47 -8.27
CA LEU A 62 26.37 -22.59 -8.53
C LEU A 62 26.87 -22.82 -9.96
N SER A 63 27.10 -21.73 -10.71
CA SER A 63 27.61 -21.76 -12.08
C SER A 63 28.94 -22.55 -12.24
N THR A 64 29.82 -22.54 -11.21
CA THR A 64 31.08 -23.28 -11.16
C THR A 64 30.81 -24.79 -11.06
N VAL A 65 29.78 -25.17 -10.26
CA VAL A 65 29.31 -26.54 -10.04
C VAL A 65 28.72 -27.05 -11.36
N MET A 66 27.91 -26.23 -12.03
CA MET A 66 27.32 -26.50 -13.36
C MET A 66 28.38 -26.77 -14.40
N SER A 67 29.45 -25.93 -14.43
CA SER A 67 30.60 -26.06 -15.34
C SER A 67 31.33 -27.39 -15.12
N GLU A 68 31.47 -27.79 -13.84
CA GLU A 68 32.10 -29.04 -13.42
C GLU A 68 31.23 -30.24 -13.84
N VAL A 69 29.88 -30.14 -13.75
CA VAL A 69 28.94 -31.20 -14.17
C VAL A 69 28.98 -31.37 -15.69
N GLN A 70 29.03 -30.24 -16.43
CA GLN A 70 29.10 -30.19 -17.89
C GLN A 70 30.39 -30.86 -18.37
N GLU A 71 31.48 -30.60 -17.64
CA GLU A 71 32.83 -31.12 -17.87
C GLU A 71 32.92 -32.65 -17.65
N ARG A 72 32.26 -33.16 -16.61
CA ARG A 72 32.33 -34.57 -16.23
C ARG A 72 31.31 -35.48 -16.92
N ASN A 73 30.06 -35.01 -17.11
CA ASN A 73 29.01 -35.82 -17.71
C ASN A 73 28.02 -35.00 -18.53
N LYS A 74 28.05 -35.25 -19.86
CA LYS A 74 27.21 -34.67 -20.91
C LYS A 74 25.73 -34.89 -20.61
N ALA A 75 25.36 -36.17 -20.41
CA ALA A 75 24.00 -36.64 -20.16
C ALA A 75 23.43 -36.11 -18.83
N ILE A 76 24.26 -36.05 -17.76
CA ILE A 76 23.86 -35.51 -16.46
C ILE A 76 23.59 -33.99 -16.57
N TYR A 77 24.43 -33.24 -17.35
CA TYR A 77 24.28 -31.79 -17.54
C TYR A 77 22.99 -31.39 -18.28
N ALA A 78 22.63 -32.14 -19.35
CA ALA A 78 21.41 -31.97 -20.14
C ALA A 78 20.17 -32.12 -19.23
N ARG A 79 20.22 -33.11 -18.30
CA ARG A 79 19.19 -33.39 -17.30
C ARG A 79 19.07 -32.27 -16.27
N LEU A 80 20.22 -31.66 -15.92
CA LEU A 80 20.33 -30.54 -14.98
C LEU A 80 19.77 -29.27 -15.61
N GLN A 81 20.04 -29.05 -16.93
CA GLN A 81 19.54 -27.90 -17.69
C GLN A 81 18.02 -27.98 -17.86
N ARG A 82 17.49 -29.20 -18.04
CA ARG A 82 16.07 -29.49 -18.18
C ARG A 82 15.27 -29.08 -16.92
N LEU A 83 15.85 -29.30 -15.72
CA LEU A 83 15.28 -28.96 -14.42
C LEU A 83 15.15 -27.45 -14.27
N VAL A 84 16.18 -26.71 -14.76
CA VAL A 84 16.24 -25.24 -14.76
C VAL A 84 15.26 -24.68 -15.81
N GLY A 85 15.31 -25.19 -17.04
CA GLY A 85 14.45 -24.80 -18.16
C GLY A 85 12.98 -25.14 -17.98
N GLY A 86 12.70 -26.13 -17.14
CA GLY A 86 11.34 -26.57 -16.80
C GLY A 86 10.52 -25.57 -16.01
N GLU A 87 11.21 -24.71 -15.20
CA GLU A 87 10.64 -23.63 -14.37
C GLU A 87 9.52 -24.08 -13.41
N ARG A 88 9.50 -25.36 -13.02
CA ARG A 88 8.49 -25.87 -12.09
C ARG A 88 9.11 -26.31 -10.77
N LYS A 89 10.44 -26.22 -10.67
CA LYS A 89 11.18 -26.60 -9.47
C LYS A 89 11.74 -25.40 -8.72
N GLN A 90 11.82 -25.53 -7.40
CA GLN A 90 12.36 -24.53 -6.48
C GLN A 90 13.91 -24.65 -6.46
N CYS A 91 14.54 -24.10 -7.51
CA CYS A 91 15.99 -24.10 -7.69
C CYS A 91 16.44 -22.82 -8.43
N TYR A 92 17.64 -22.33 -8.12
CA TYR A 92 18.17 -21.08 -8.66
C TYR A 92 19.62 -21.22 -9.07
N VAL A 93 19.96 -20.68 -10.25
CA VAL A 93 21.33 -20.68 -10.74
C VAL A 93 21.99 -19.39 -10.25
N PHE A 94 22.93 -19.53 -9.30
CA PHE A 94 23.69 -18.40 -8.77
C PHE A 94 25.06 -18.31 -9.49
N SER A 95 25.28 -17.16 -10.17
CA SER A 95 26.51 -16.88 -10.90
C SER A 95 27.60 -16.45 -9.92
N ASN A 96 28.17 -17.44 -9.21
CA ASN A 96 29.22 -17.24 -8.21
C ASN A 96 30.55 -16.83 -8.85
N ASP A 97 30.73 -17.08 -10.16
CA ASP A 97 31.91 -16.66 -10.92
C ASP A 97 31.82 -15.19 -11.40
N ARG A 98 30.60 -14.63 -11.46
CA ARG A 98 30.34 -13.25 -11.88
C ARG A 98 30.15 -12.31 -10.69
N HIS A 99 29.66 -12.85 -9.56
CA HIS A 99 29.43 -12.09 -8.32
C HIS A 99 30.77 -11.70 -7.68
N GLU A 100 30.97 -10.40 -7.40
CA GLU A 100 32.20 -9.82 -6.85
C GLU A 100 32.66 -10.39 -5.50
N GLN A 101 31.69 -10.72 -4.63
CA GLN A 101 31.93 -11.24 -3.28
C GLN A 101 32.17 -12.75 -3.22
N THR A 102 31.92 -13.48 -4.33
CA THR A 102 32.09 -14.93 -4.36
C THR A 102 33.07 -15.44 -5.43
N HIS A 103 33.47 -14.59 -6.40
CA HIS A 103 34.36 -14.96 -7.49
C HIS A 103 35.76 -15.34 -7.02
N CYS A 104 36.15 -16.60 -7.26
CA CYS A 104 37.46 -17.17 -6.92
C CYS A 104 38.29 -17.37 -8.17
N VAL A 105 39.59 -17.06 -8.08
CA VAL A 105 40.56 -17.26 -9.16
C VAL A 105 41.49 -18.39 -8.70
N MET A 106 41.72 -19.38 -9.57
CA MET A 106 42.58 -20.53 -9.27
C MET A 106 44.04 -20.12 -9.22
N GLU A 109 49.30 -23.47 -6.56
CA GLU A 109 49.38 -24.53 -5.55
C GLU A 109 48.06 -25.31 -5.38
N GLU A 110 46.95 -24.83 -5.96
CA GLU A 110 45.63 -25.47 -5.89
C GLU A 110 45.42 -26.50 -7.01
N THR A 111 44.77 -27.62 -6.66
CA THR A 111 44.37 -28.65 -7.64
C THR A 111 42.95 -28.24 -8.09
N ARG A 112 42.43 -28.85 -9.19
CA ARG A 112 41.08 -28.57 -9.68
C ARG A 112 40.00 -28.87 -8.61
N SER A 113 40.24 -29.91 -7.78
CA SER A 113 39.37 -30.33 -6.69
C SER A 113 39.36 -29.31 -5.54
N ASP A 114 40.56 -28.81 -5.12
CA ASP A 114 40.75 -27.81 -4.05
C ASP A 114 40.09 -26.48 -4.38
N PHE A 115 40.22 -26.05 -5.66
CA PHE A 115 39.67 -24.79 -6.18
C PHE A 115 38.14 -24.85 -6.19
N ASN A 116 37.58 -25.98 -6.66
CA ASN A 116 36.15 -26.22 -6.71
C ASN A 116 35.54 -26.31 -5.31
N ASP A 117 36.32 -26.87 -4.34
CA ASP A 117 35.97 -26.97 -2.91
C ASP A 117 35.89 -25.57 -2.30
N ARG A 118 36.86 -24.70 -2.63
CA ARG A 118 36.96 -23.31 -2.17
C ARG A 118 35.80 -22.47 -2.71
N CYS A 119 35.46 -22.65 -4.01
CA CYS A 119 34.36 -21.98 -4.73
C CYS A 119 33.03 -22.16 -4.02
N VAL A 120 32.71 -23.43 -3.69
CA VAL A 120 31.50 -23.86 -3.01
C VAL A 120 31.46 -23.30 -1.57
N ARG A 121 32.58 -23.39 -0.85
CA ARG A 121 32.75 -22.91 0.54
C ARG A 121 32.57 -21.38 0.62
N VAL A 122 33.14 -20.63 -0.35
CA VAL A 122 33.06 -19.16 -0.43
C VAL A 122 31.60 -18.71 -0.74
N ALA A 123 30.93 -19.40 -1.68
CA ALA A 123 29.55 -19.11 -2.05
C ALA A 123 28.57 -19.47 -0.91
N GLY A 124 28.87 -20.55 -0.19
CA GLY A 124 28.09 -21.01 0.95
C GLY A 124 28.17 -20.07 2.12
N ARG A 125 29.37 -19.53 2.38
CA ARG A 125 29.64 -18.55 3.45
C ARG A 125 28.92 -17.22 3.15
N TRP A 126 28.86 -16.83 1.86
CA TRP A 126 28.21 -15.62 1.40
C TRP A 126 26.71 -15.76 1.59
N TYR A 127 26.14 -16.90 1.14
CA TYR A 127 24.72 -17.21 1.26
C TYR A 127 24.23 -17.20 2.70
N ALA A 128 25.01 -17.82 3.60
CA ALA A 128 24.70 -17.92 5.02
C ALA A 128 24.65 -16.54 5.69
N GLN A 129 25.67 -15.69 5.45
CA GLN A 129 25.77 -14.35 6.02
C GLN A 129 24.72 -13.41 5.40
N HIS A 130 24.45 -13.57 4.09
CA HIS A 130 23.48 -12.77 3.32
C HIS A 130 22.05 -12.99 3.78
N LEU A 131 21.63 -14.27 3.88
CA LEU A 131 20.29 -14.68 4.32
C LEU A 131 20.01 -14.34 5.79
N ALA A 132 21.06 -14.31 6.64
CA ALA A 132 20.93 -13.94 8.05
C ALA A 132 20.63 -12.44 8.14
N LEU A 133 21.15 -11.63 7.19
CA LEU A 133 20.91 -10.19 7.15
C LEU A 133 19.56 -9.83 6.50
N ALA A 134 19.16 -10.62 5.47
CA ALA A 134 17.94 -10.45 4.69
C ALA A 134 16.70 -10.96 5.44
N PHE A 135 16.87 -12.00 6.27
CA PHE A 135 15.80 -12.60 7.06
C PHE A 135 16.34 -12.80 8.48
N PRO A 136 16.53 -11.69 9.24
CA PRO A 136 17.02 -11.84 10.62
C PRO A 136 16.05 -12.55 11.55
N ALA A 137 16.57 -13.16 12.63
CA ALA A 137 15.77 -13.83 13.63
C ALA A 137 14.73 -12.90 14.31
N VAL A 138 13.51 -13.45 14.46
CA VAL A 138 12.38 -12.81 15.12
C VAL A 138 12.28 -13.54 16.44
N THR A 139 12.57 -12.83 17.54
CA THR A 139 12.63 -13.37 18.92
C THR A 139 11.46 -14.29 19.29
N GLY A 140 11.79 -15.54 19.56
CA GLY A 140 10.84 -16.60 19.94
C GLY A 140 9.87 -17.02 18.86
N VAL A 141 10.04 -16.53 17.62
CA VAL A 141 9.20 -16.82 16.46
C VAL A 141 9.99 -17.68 15.47
N ALA A 142 11.13 -17.16 14.96
CA ALA A 142 11.97 -17.87 13.99
C ALA A 142 13.43 -17.47 14.03
N GLU A 143 14.28 -18.43 13.66
CA GLU A 143 15.73 -18.28 13.54
C GLU A 143 16.08 -17.78 12.13
N ILE A 144 17.36 -17.42 11.91
CA ILE A 144 17.91 -17.02 10.60
C ILE A 144 17.86 -18.25 9.64
N PRO A 145 17.80 -18.08 8.29
CA PRO A 145 17.78 -19.24 7.40
C PRO A 145 19.04 -20.12 7.46
N SER A 146 18.88 -21.42 7.23
CA SER A 146 19.95 -22.43 7.27
C SER A 146 20.47 -22.75 5.84
N VAL A 147 21.80 -22.73 5.69
CA VAL A 147 22.49 -23.06 4.45
C VAL A 147 23.23 -24.37 4.64
N VAL A 148 22.99 -25.34 3.76
CA VAL A 148 23.63 -26.68 3.80
C VAL A 148 24.39 -26.92 2.51
N LEU A 149 25.72 -27.10 2.61
CA LEU A 149 26.58 -27.50 1.50
C LEU A 149 26.47 -29.03 1.45
N VAL A 150 25.95 -29.55 0.35
CA VAL A 150 25.75 -30.98 0.12
C VAL A 150 26.99 -31.54 -0.60
N SER A 151 27.87 -32.19 0.18
CA SER A 151 29.16 -32.71 -0.26
C SER A 151 29.67 -33.89 0.58
N HIS A 152 30.53 -34.75 -0.02
CA HIS A 152 31.20 -35.84 0.69
C HIS A 152 32.46 -35.34 1.35
N ASP A 153 32.97 -34.18 0.88
CA ASP A 153 34.16 -33.52 1.40
C ASP A 153 33.81 -32.72 2.64
N LYS A 154 34.78 -32.56 3.55
CA LYS A 154 34.59 -31.78 4.77
C LYS A 154 35.01 -30.36 4.39
N LEU A 155 34.13 -29.68 3.63
CA LEU A 155 34.32 -28.34 3.07
C LEU A 155 34.58 -27.24 4.10
N LEU A 156 34.01 -27.37 5.31
CA LEU A 156 34.18 -26.37 6.36
C LEU A 156 35.34 -26.73 7.35
N GLN A 157 36.40 -27.38 6.79
CA GLN A 157 37.64 -27.83 7.45
C GLN A 157 37.37 -28.79 8.62
N SER A 158 36.60 -29.87 8.32
CA SER A 158 36.15 -30.93 9.23
C SER A 158 35.39 -30.44 10.46
N ILE A 169 30.43 -19.39 11.10
CA ILE A 169 29.05 -19.11 10.69
C ILE A 169 28.12 -20.23 11.17
N SER A 170 27.24 -19.89 12.15
CA SER A 170 26.31 -20.80 12.82
C SER A 170 25.22 -21.44 11.93
N ASN A 171 24.72 -20.69 10.92
CA ASN A 171 23.67 -21.16 10.01
C ASN A 171 24.21 -21.83 8.72
N LEU A 172 25.51 -22.19 8.71
CA LEU A 172 26.15 -22.89 7.60
C LEU A 172 26.67 -24.27 8.05
N SER A 173 26.28 -25.30 7.32
CA SER A 173 26.73 -26.67 7.58
C SER A 173 27.12 -27.38 6.28
N CYS A 174 27.84 -28.50 6.41
CA CYS A 174 28.25 -29.34 5.31
C CYS A 174 27.91 -30.80 5.68
N LEU A 175 27.03 -31.42 4.88
CA LEU A 175 26.55 -32.80 5.07
C LEU A 175 26.51 -33.49 3.73
N THR A 176 26.51 -34.83 3.74
CA THR A 176 26.31 -35.60 2.50
C THR A 176 24.79 -35.60 2.29
N LEU A 177 24.30 -35.95 1.10
CA LEU A 177 22.85 -36.00 0.82
C LEU A 177 22.11 -36.98 1.75
N ARG A 178 22.74 -38.14 2.02
CA ARG A 178 22.26 -39.19 2.94
C ARG A 178 22.12 -38.66 4.37
N GLN A 179 23.14 -37.92 4.86
CA GLN A 179 23.10 -37.29 6.20
C GLN A 179 22.02 -36.24 6.28
N PHE A 180 21.93 -35.39 5.23
CA PHE A 180 20.90 -34.36 5.14
C PHE A 180 19.48 -34.96 5.19
N LEU A 181 19.24 -36.03 4.39
CA LEU A 181 17.94 -36.70 4.32
C LEU A 181 17.62 -37.50 5.59
N ALA A 182 18.64 -38.07 6.28
CA ALA A 182 18.45 -38.80 7.55
C ALA A 182 18.06 -37.79 8.66
N GLY A 183 18.65 -36.61 8.63
CA GLY A 183 18.35 -35.51 9.54
C GLY A 183 16.92 -35.00 9.37
N CYS A 184 16.41 -35.04 8.13
CA CYS A 184 15.04 -34.67 7.76
C CYS A 184 14.04 -35.66 8.35
N VAL A 185 14.38 -36.97 8.31
CA VAL A 185 13.59 -38.08 8.86
C VAL A 185 13.53 -37.97 10.40
N THR A 186 14.66 -37.66 11.05
CA THR A 186 14.77 -37.48 12.51
C THR A 186 13.90 -36.31 13.01
N ALA A 187 13.98 -35.17 12.29
CA ALA A 187 13.26 -33.95 12.61
C ALA A 187 11.75 -34.14 12.42
N GLY A 188 11.36 -34.91 11.41
CA GLY A 188 9.98 -35.25 11.12
C GLY A 188 9.38 -36.18 12.15
N THR A 189 10.18 -37.16 12.61
CA THR A 189 9.79 -38.13 13.63
C THR A 189 9.57 -37.43 14.97
N ASP A 190 10.49 -36.53 15.33
CA ASP A 190 10.45 -35.72 16.57
C ASP A 190 9.20 -34.83 16.62
N LEU A 191 8.84 -34.24 15.46
CA LEU A 191 7.67 -33.40 15.27
C LEU A 191 6.38 -34.21 15.43
N LEU A 192 6.34 -35.41 14.83
CA LEU A 192 5.20 -36.33 14.92
C LEU A 192 5.00 -36.82 16.38
N GLU A 193 6.10 -37.02 17.13
CA GLU A 193 6.04 -37.43 18.55
C GLU A 193 5.50 -36.31 19.44
N MET A 194 5.80 -35.05 19.07
CA MET A 194 5.39 -33.82 19.75
C MET A 194 3.83 -33.66 19.69
N ILE A 195 3.22 -33.97 18.52
CA ILE A 195 1.78 -33.89 18.28
C ILE A 195 1.06 -35.04 19.01
N LEU A 196 1.69 -36.23 19.06
CA LEU A 196 1.13 -37.43 19.69
C LEU A 196 1.22 -37.35 21.22
N SER B 4 -23.31 9.05 13.54
CA SER B 4 -22.01 9.01 12.87
C SER B 4 -22.00 7.97 11.72
N ASP B 5 -23.07 7.94 10.90
CA ASP B 5 -23.22 6.97 9.79
C ASP B 5 -23.67 7.60 8.44
N ILE B 6 -24.03 8.91 8.41
CA ILE B 6 -24.45 9.56 7.17
C ILE B 6 -23.25 10.29 6.52
N GLY B 7 -22.79 9.75 5.41
CA GLY B 7 -21.69 10.34 4.65
C GLY B 7 -22.17 11.40 3.67
N CYS B 8 -21.21 12.17 3.16
CA CYS B 8 -21.42 13.22 2.17
C CYS B 8 -21.55 12.65 0.73
N GLY B 9 -21.13 11.41 0.52
CA GLY B 9 -21.21 10.71 -0.77
C GLY B 9 -20.16 11.10 -1.79
N THR B 10 -19.09 11.76 -1.32
CA THR B 10 -18.00 12.24 -2.15
C THR B 10 -16.90 11.18 -2.23
N VAL B 11 -16.44 10.87 -3.44
CA VAL B 11 -15.37 9.92 -3.71
C VAL B 11 -14.05 10.47 -3.09
N GLY B 12 -13.36 9.60 -2.37
CA GLY B 12 -12.08 9.91 -1.75
C GLY B 12 -12.14 10.76 -0.50
N CYS B 13 -13.32 10.89 0.11
CA CYS B 13 -13.46 11.65 1.35
C CYS B 13 -12.94 10.81 2.53
N LYS B 14 -11.87 11.28 3.20
CA LYS B 14 -11.25 10.60 4.32
C LYS B 14 -12.07 10.75 5.60
N LEU B 15 -12.87 11.83 5.72
CA LEU B 15 -13.73 12.10 6.88
C LEU B 15 -14.88 11.08 6.97
N CYS B 16 -15.42 10.70 5.82
CA CYS B 16 -16.54 9.77 5.70
C CYS B 16 -16.10 8.34 5.38
N ALA B 17 -14.79 8.12 5.18
CA ALA B 17 -14.20 6.79 4.93
C ALA B 17 -14.31 5.91 6.18
N SER B 27 -21.40 3.39 -3.34
CA SER B 27 -22.00 4.35 -2.40
C SER B 27 -21.71 5.82 -2.80
N SER B 28 -20.42 6.23 -2.77
CA SER B 28 -19.90 7.55 -3.11
C SER B 28 -19.82 7.76 -4.63
N SER B 29 -20.51 8.79 -5.13
CA SER B 29 -20.63 9.13 -6.55
C SER B 29 -20.24 10.58 -6.88
N LEU B 30 -20.11 11.43 -5.85
CA LEU B 30 -19.76 12.84 -6.05
C LEU B 30 -18.29 13.08 -6.17
N VAL B 31 -17.92 14.07 -6.99
CA VAL B 31 -16.52 14.46 -7.19
C VAL B 31 -16.28 15.87 -6.62
N PRO B 32 -15.12 16.10 -5.96
CA PRO B 32 -14.84 17.46 -5.44
C PRO B 32 -14.25 18.41 -6.50
N THR B 33 -13.98 17.90 -7.70
CA THR B 33 -13.35 18.60 -8.83
C THR B 33 -14.35 19.37 -9.72
N ALA B 34 -15.63 19.24 -9.41
CA ALA B 34 -16.72 19.92 -10.08
C ALA B 34 -17.62 20.52 -8.99
N PRO B 35 -18.40 21.58 -9.27
CA PRO B 35 -19.29 22.12 -8.22
C PRO B 35 -20.32 21.09 -7.80
N ILE B 36 -20.65 21.11 -6.50
CA ILE B 36 -21.60 20.21 -5.89
C ILE B 36 -22.94 20.97 -5.94
N MET B 37 -23.86 20.46 -6.77
CA MET B 37 -25.17 21.06 -7.00
C MET B 37 -26.17 20.54 -5.99
N ILE B 38 -26.83 21.46 -5.27
CA ILE B 38 -27.86 21.09 -4.32
C ILE B 38 -29.17 21.78 -4.71
N PRO B 39 -29.97 21.18 -5.63
CA PRO B 39 -31.24 21.83 -5.98
C PRO B 39 -32.32 21.66 -4.90
N ASP B 40 -33.20 22.64 -4.82
CA ASP B 40 -34.38 22.64 -3.96
C ASP B 40 -35.51 21.95 -4.78
N ALA B 41 -36.65 21.66 -4.15
CA ALA B 41 -37.78 20.97 -4.78
C ALA B 41 -38.35 21.69 -6.01
N VAL B 42 -38.49 23.04 -5.96
CA VAL B 42 -38.99 23.89 -7.06
C VAL B 42 -38.16 23.71 -8.35
N THR B 43 -36.82 23.63 -8.21
CA THR B 43 -35.86 23.41 -9.28
C THR B 43 -36.08 22.06 -9.97
N ILE B 44 -36.27 20.98 -9.18
CA ILE B 44 -36.51 19.62 -9.69
C ILE B 44 -37.87 19.56 -10.42
N LEU B 45 -38.92 20.10 -9.78
CA LEU B 45 -40.28 20.16 -10.28
C LEU B 45 -40.39 20.93 -11.60
N HIS B 46 -39.62 22.01 -11.75
CA HIS B 46 -39.66 22.85 -12.95
C HIS B 46 -38.65 22.45 -14.04
N ASN B 47 -37.59 21.71 -13.68
CA ASN B 47 -36.52 21.35 -14.60
C ASN B 47 -36.12 19.87 -14.53
N MET B 48 -37.09 18.95 -14.47
CA MET B 48 -36.85 17.50 -14.42
C MET B 48 -36.15 17.00 -15.71
N ASN B 49 -36.43 17.63 -16.88
CA ASN B 49 -35.80 17.31 -18.18
C ASN B 49 -34.30 17.55 -18.11
N ALA B 50 -33.88 18.65 -17.48
CA ALA B 50 -32.51 19.07 -17.26
C ALA B 50 -31.81 18.15 -16.29
N MET B 51 -32.50 17.79 -15.17
CA MET B 51 -32.01 16.88 -14.12
C MET B 51 -31.63 15.51 -14.70
N GLU B 52 -32.46 15.00 -15.64
CA GLU B 52 -32.33 13.72 -16.33
C GLU B 52 -31.27 13.73 -17.43
N ASP B 53 -30.86 14.92 -17.88
CA ASP B 53 -29.84 15.08 -18.91
C ASP B 53 -28.45 14.71 -18.37
N ALA B 54 -27.70 13.92 -19.16
CA ALA B 54 -26.34 13.42 -18.88
C ALA B 54 -25.29 14.55 -18.67
N ARG B 55 -25.56 15.75 -19.20
CA ARG B 55 -24.69 16.94 -19.07
C ARG B 55 -24.77 17.57 -17.67
N ILE B 56 -25.82 17.21 -16.89
CA ILE B 56 -26.01 17.67 -15.52
C ILE B 56 -25.56 16.55 -14.58
N GLN B 57 -24.45 16.80 -13.87
CA GLN B 57 -23.83 15.84 -12.97
C GLN B 57 -23.49 16.50 -11.66
N ASN B 58 -23.12 15.67 -10.65
CA ASN B 58 -22.69 16.07 -9.31
C ASN B 58 -23.81 16.73 -8.48
N ILE B 59 -24.91 15.98 -8.34
CA ILE B 59 -26.11 16.43 -7.65
C ILE B 59 -26.31 15.80 -6.27
N VAL B 60 -26.49 16.65 -5.26
CA VAL B 60 -26.88 16.21 -3.92
C VAL B 60 -28.39 16.32 -3.89
N LEU B 61 -29.04 15.17 -3.72
CA LEU B 61 -30.47 15.07 -3.52
C LEU B 61 -30.76 14.95 -2.01
N LEU B 62 -31.27 16.05 -1.39
CA LEU B 62 -31.65 16.04 0.03
C LEU B 62 -32.92 15.21 0.24
N SER B 63 -32.97 14.45 1.34
CA SER B 63 -34.11 13.64 1.80
C SER B 63 -35.38 14.49 1.93
N THR B 64 -35.25 15.73 2.46
CA THR B 64 -36.32 16.70 2.63
C THR B 64 -36.85 17.21 1.30
N VAL B 65 -35.96 17.43 0.35
CA VAL B 65 -36.28 17.91 -0.98
C VAL B 65 -37.05 16.81 -1.72
N MET B 66 -36.63 15.53 -1.57
CA MET B 66 -37.26 14.35 -2.16
C MET B 66 -38.71 14.26 -1.68
N SER B 67 -38.92 14.49 -0.36
CA SER B 67 -40.16 14.48 0.36
C SER B 67 -41.12 15.51 -0.16
N GLU B 68 -40.59 16.71 -0.41
CA GLU B 68 -41.30 17.86 -0.97
C GLU B 68 -41.66 17.60 -2.43
N VAL B 69 -40.78 16.92 -3.23
CA VAL B 69 -41.07 16.58 -4.64
C VAL B 69 -42.23 15.56 -4.68
N GLN B 70 -42.19 14.57 -3.78
CA GLN B 70 -43.21 13.53 -3.58
C GLN B 70 -44.60 14.12 -3.27
N GLU B 71 -44.64 15.14 -2.37
CA GLU B 71 -45.87 15.83 -1.97
C GLU B 71 -46.47 16.71 -3.05
N ARG B 72 -45.62 17.33 -3.89
CA ARG B 72 -46.02 18.25 -4.95
C ARG B 72 -46.38 17.56 -6.27
N ASN B 73 -45.63 16.51 -6.66
CA ASN B 73 -45.84 15.83 -7.94
C ASN B 73 -45.30 14.43 -7.89
N LYS B 74 -46.22 13.47 -7.83
CA LYS B 74 -45.98 12.02 -7.78
C LYS B 74 -45.31 11.52 -9.04
N ALA B 75 -45.67 12.06 -10.20
CA ALA B 75 -45.12 11.69 -11.50
C ALA B 75 -43.65 12.11 -11.65
N ILE B 76 -43.30 13.35 -11.22
CA ILE B 76 -41.92 13.84 -11.26
C ILE B 76 -41.07 13.05 -10.26
N TYR B 77 -41.69 12.66 -9.11
CA TYR B 77 -41.10 11.86 -8.05
C TYR B 77 -40.79 10.42 -8.48
N ALA B 78 -41.64 9.84 -9.33
CA ALA B 78 -41.48 8.48 -9.89
C ALA B 78 -40.25 8.48 -10.82
N ARG B 79 -40.06 9.60 -11.54
CA ARG B 79 -38.95 9.87 -12.46
C ARG B 79 -37.67 10.16 -11.68
N LEU B 80 -37.76 10.87 -10.57
CA LEU B 80 -36.62 11.17 -9.72
C LEU B 80 -36.07 9.89 -9.04
N GLN B 81 -36.96 8.97 -8.65
CA GLN B 81 -36.56 7.69 -8.03
C GLN B 81 -35.85 6.80 -9.04
N ARG B 82 -36.29 6.81 -10.31
CA ARG B 82 -35.66 6.05 -11.38
C ARG B 82 -34.26 6.56 -11.71
N LEU B 83 -34.05 7.89 -11.62
CA LEU B 83 -32.78 8.59 -11.82
C LEU B 83 -31.72 8.14 -10.76
N VAL B 84 -32.17 7.90 -9.50
CA VAL B 84 -31.40 7.39 -8.35
C VAL B 84 -31.17 5.87 -8.48
N GLY B 85 -32.24 5.13 -8.80
CA GLY B 85 -32.23 3.68 -8.93
C GLY B 85 -31.42 3.12 -10.07
N GLY B 86 -31.18 3.95 -11.09
CA GLY B 86 -30.39 3.59 -12.28
C GLY B 86 -28.93 3.37 -11.98
N GLU B 87 -28.37 4.14 -11.02
CA GLU B 87 -26.97 4.08 -10.58
C GLU B 87 -25.95 4.34 -11.74
N ARG B 88 -26.29 5.27 -12.64
CA ARG B 88 -25.46 5.67 -13.80
C ARG B 88 -25.30 7.20 -13.86
N LYS B 89 -25.58 7.90 -12.74
CA LYS B 89 -25.58 9.35 -12.59
C LYS B 89 -24.76 9.74 -11.37
N GLN B 90 -23.95 10.83 -11.45
CA GLN B 90 -23.22 11.35 -10.28
C GLN B 90 -24.25 12.10 -9.46
N CYS B 91 -24.97 11.39 -8.62
CA CYS B 91 -25.97 11.93 -7.72
C CYS B 91 -25.96 11.14 -6.45
N TYR B 92 -26.27 11.79 -5.35
CA TYR B 92 -26.23 11.16 -4.06
C TYR B 92 -27.40 11.63 -3.21
N VAL B 93 -28.07 10.67 -2.58
CA VAL B 93 -29.14 10.98 -1.66
C VAL B 93 -28.52 11.15 -0.26
N PHE B 94 -28.53 12.40 0.22
CA PHE B 94 -28.04 12.76 1.55
C PHE B 94 -29.21 12.85 2.52
N SER B 95 -29.17 12.00 3.56
CA SER B 95 -30.19 11.94 4.60
C SER B 95 -29.98 13.08 5.60
N ASN B 96 -30.35 14.30 5.19
CA ASN B 96 -30.22 15.51 6.01
C ASN B 96 -31.17 15.54 7.21
N ASP B 97 -32.23 14.73 7.16
CA ASP B 97 -33.19 14.57 8.25
C ASP B 97 -32.70 13.56 9.32
N ARG B 98 -31.76 12.69 8.97
CA ARG B 98 -31.18 11.68 9.87
C ARG B 98 -29.82 12.12 10.42
N HIS B 99 -29.08 12.96 9.67
CA HIS B 99 -27.76 13.49 10.03
C HIS B 99 -27.91 14.50 11.18
N GLU B 100 -27.17 14.28 12.28
CA GLU B 100 -27.23 15.11 13.50
C GLU B 100 -26.90 16.60 13.30
N GLN B 101 -25.97 16.91 12.40
CA GLN B 101 -25.52 18.27 12.12
C GLN B 101 -26.39 19.04 11.13
N THR B 102 -27.34 18.36 10.47
CA THR B 102 -28.21 19.00 9.47
C THR B 102 -29.70 18.86 9.76
N HIS B 103 -30.09 18.00 10.72
CA HIS B 103 -31.49 17.73 11.04
C HIS B 103 -32.22 18.95 11.64
N CYS B 104 -33.23 19.41 10.89
CA CYS B 104 -34.09 20.54 11.24
C CYS B 104 -35.47 20.04 11.62
N VAL B 105 -36.04 20.62 12.67
CA VAL B 105 -37.38 20.33 13.16
C VAL B 105 -38.21 21.57 12.82
N MET B 106 -39.39 21.36 12.21
CA MET B 106 -40.28 22.44 11.83
C MET B 106 -40.86 23.15 13.05
N GLN B 107 -40.72 24.49 13.03
CA GLN B 107 -41.18 25.37 14.11
C GLN B 107 -42.57 25.94 13.81
N SER B 108 -43.34 26.23 14.89
CA SER B 108 -44.71 26.76 14.85
C SER B 108 -44.87 27.99 13.93
N GLU B 109 -43.87 28.91 13.98
CA GLU B 109 -43.82 30.17 13.22
C GLU B 109 -43.47 29.97 11.74
N GLU B 110 -42.90 28.79 11.37
CA GLU B 110 -42.45 28.45 10.01
C GLU B 110 -43.55 27.88 9.11
N THR B 111 -43.55 28.29 7.84
CA THR B 111 -44.42 27.72 6.80
C THR B 111 -43.61 26.55 6.20
N ARG B 112 -44.26 25.65 5.45
CA ARG B 112 -43.58 24.51 4.82
C ARG B 112 -42.40 24.99 3.94
N SER B 113 -42.61 26.10 3.18
CA SER B 113 -41.63 26.76 2.31
C SER B 113 -40.42 27.29 3.10
N ASP B 114 -40.64 27.99 4.22
CA ASP B 114 -39.60 28.54 5.11
C ASP B 114 -38.72 27.45 5.74
N PHE B 115 -39.36 26.34 6.15
CA PHE B 115 -38.71 25.18 6.75
C PHE B 115 -37.82 24.45 5.72
N ASN B 116 -38.34 24.27 4.50
CA ASN B 116 -37.61 23.67 3.40
C ASN B 116 -36.45 24.55 2.94
N ASP B 117 -36.59 25.88 3.06
CA ASP B 117 -35.56 26.89 2.77
C ASP B 117 -34.41 26.78 3.76
N ARG B 118 -34.77 26.58 5.04
CA ARG B 118 -33.82 26.43 6.14
C ARG B 118 -33.05 25.09 6.01
N CYS B 119 -33.75 24.00 5.68
CA CYS B 119 -33.22 22.64 5.47
C CYS B 119 -32.12 22.63 4.47
N VAL B 120 -32.35 23.24 3.30
CA VAL B 120 -31.43 23.33 2.17
C VAL B 120 -30.19 24.19 2.56
N ARG B 121 -30.44 25.33 3.22
CA ARG B 121 -29.42 26.28 3.66
C ARG B 121 -28.49 25.63 4.72
N VAL B 122 -29.05 24.89 5.69
CA VAL B 122 -28.35 24.17 6.76
C VAL B 122 -27.48 23.03 6.17
N ALA B 123 -28.05 22.24 5.24
CA ALA B 123 -27.35 21.15 4.56
C ALA B 123 -26.23 21.67 3.63
N GLY B 124 -26.46 22.82 2.97
CA GLY B 124 -25.50 23.45 2.08
C GLY B 124 -24.33 24.06 2.82
N ARG B 125 -24.59 24.61 4.02
CA ARG B 125 -23.55 25.18 4.89
C ARG B 125 -22.69 24.05 5.47
N TRP B 126 -23.29 22.90 5.77
CA TRP B 126 -22.59 21.72 6.28
C TRP B 126 -21.70 21.16 5.17
N TYR B 127 -22.24 20.98 3.96
CA TYR B 127 -21.53 20.47 2.79
C TYR B 127 -20.31 21.31 2.44
N ALA B 128 -20.47 22.63 2.44
CA ALA B 128 -19.44 23.60 2.13
C ALA B 128 -18.27 23.53 3.13
N GLN B 129 -18.57 23.54 4.43
CA GLN B 129 -17.57 23.47 5.48
C GLN B 129 -16.90 22.09 5.53
N HIS B 130 -17.65 21.02 5.28
CA HIS B 130 -17.22 19.63 5.33
C HIS B 130 -16.21 19.33 4.20
N LEU B 131 -16.58 19.70 2.94
CA LEU B 131 -15.74 19.52 1.75
C LEU B 131 -14.47 20.37 1.78
N ALA B 132 -14.52 21.55 2.43
CA ALA B 132 -13.34 22.41 2.58
C ALA B 132 -12.32 21.72 3.50
N LEU B 133 -12.81 20.96 4.50
CA LEU B 133 -11.95 20.21 5.43
C LEU B 133 -11.44 18.87 4.84
N ALA B 134 -12.27 18.22 4.03
CA ALA B 134 -12.01 16.93 3.41
C ALA B 134 -11.09 17.05 2.20
N PHE B 135 -11.18 18.19 1.48
CA PHE B 135 -10.38 18.50 0.30
C PHE B 135 -9.87 19.92 0.43
N PRO B 136 -8.91 20.15 1.37
CA PRO B 136 -8.37 21.52 1.52
C PRO B 136 -7.58 21.99 0.31
N ALA B 137 -7.49 23.32 0.15
CA ALA B 137 -6.75 23.96 -0.94
C ALA B 137 -5.24 23.57 -0.94
N VAL B 138 -4.74 23.28 -2.14
CA VAL B 138 -3.37 22.96 -2.43
C VAL B 138 -2.83 24.21 -3.12
N THR B 139 -1.91 24.94 -2.44
CA THR B 139 -1.32 26.21 -2.87
C THR B 139 -0.88 26.22 -4.35
N GLY B 140 -1.48 27.12 -5.13
CA GLY B 140 -1.24 27.29 -6.55
C GLY B 140 -1.66 26.14 -7.45
N VAL B 141 -2.36 25.12 -6.88
CA VAL B 141 -2.81 23.93 -7.60
C VAL B 141 -4.33 23.93 -7.70
N ALA B 142 -5.02 23.92 -6.54
CA ALA B 142 -6.48 23.90 -6.49
C ALA B 142 -7.06 24.50 -5.22
N GLU B 143 -8.25 25.06 -5.36
CA GLU B 143 -9.05 25.65 -4.30
C GLU B 143 -9.92 24.57 -3.67
N ILE B 144 -10.58 24.89 -2.53
CA ILE B 144 -11.54 24.02 -1.85
C ILE B 144 -12.76 23.73 -2.77
N PRO B 145 -13.50 22.61 -2.63
CA PRO B 145 -14.68 22.39 -3.50
C PRO B 145 -15.80 23.44 -3.32
N SER B 146 -16.51 23.72 -4.40
CA SER B 146 -17.60 24.69 -4.46
C SER B 146 -18.97 23.98 -4.31
N VAL B 147 -19.80 24.54 -3.44
CA VAL B 147 -21.16 24.09 -3.22
C VAL B 147 -22.12 25.17 -3.76
N VAL B 148 -23.05 24.77 -4.63
CA VAL B 148 -24.07 25.67 -5.21
C VAL B 148 -25.46 25.16 -4.84
N LEU B 149 -26.23 26.01 -4.14
CA LEU B 149 -27.66 25.78 -3.86
C LEU B 149 -28.40 26.24 -5.11
N VAL B 150 -29.15 25.34 -5.74
CA VAL B 150 -29.87 25.66 -6.97
C VAL B 150 -31.35 25.97 -6.62
N SER B 151 -31.69 27.26 -6.62
CA SER B 151 -32.96 27.77 -6.18
C SER B 151 -33.28 29.17 -6.73
N HIS B 152 -34.57 29.52 -6.75
CA HIS B 152 -35.06 30.86 -7.12
C HIS B 152 -35.11 31.78 -5.91
N ASP B 153 -35.09 31.19 -4.71
CA ASP B 153 -35.10 31.89 -3.44
C ASP B 153 -33.70 32.36 -3.09
N LYS B 154 -33.60 33.47 -2.36
CA LYS B 154 -32.31 33.99 -1.93
C LYS B 154 -32.02 33.34 -0.58
N LEU B 155 -31.67 32.04 -0.63
CA LEU B 155 -31.44 31.16 0.51
C LEU B 155 -30.36 31.64 1.49
N LEU B 156 -29.32 32.32 0.98
CA LEU B 156 -28.21 32.83 1.79
C LEU B 156 -28.34 34.33 2.17
N GLN B 157 -29.32 35.05 1.55
CA GLN B 157 -29.59 36.47 1.77
C GLN B 157 -30.76 36.66 2.71
N ASN B 168 -20.54 32.92 7.36
CA ASN B 168 -19.71 33.46 6.29
C ASN B 168 -18.85 32.34 5.64
N ILE B 169 -19.40 31.71 4.57
CA ILE B 169 -18.78 30.59 3.84
C ILE B 169 -18.53 30.95 2.36
N SER B 170 -17.25 31.10 2.00
CA SER B 170 -16.75 31.51 0.68
C SER B 170 -17.05 30.53 -0.46
N ASN B 171 -17.03 29.21 -0.19
CA ASN B 171 -17.27 28.17 -1.20
C ASN B 171 -18.75 27.73 -1.31
N LEU B 172 -19.66 28.53 -0.73
CA LEU B 172 -21.09 28.31 -0.82
C LEU B 172 -21.79 29.46 -1.55
N SER B 173 -22.58 29.12 -2.56
CA SER B 173 -23.36 30.11 -3.31
C SER B 173 -24.79 29.60 -3.55
N CYS B 174 -25.69 30.52 -3.93
CA CYS B 174 -27.06 30.26 -4.28
C CYS B 174 -27.36 30.96 -5.61
N LEU B 175 -27.73 30.17 -6.61
CA LEU B 175 -28.03 30.64 -7.97
C LEU B 175 -29.24 29.89 -8.47
N THR B 176 -29.90 30.43 -9.51
CA THR B 176 -30.97 29.70 -10.17
C THR B 176 -30.24 28.74 -11.15
N LEU B 177 -30.91 27.71 -11.68
CA LEU B 177 -30.31 26.78 -12.63
C LEU B 177 -29.82 27.52 -13.90
N ARG B 178 -30.59 28.51 -14.37
CA ARG B 178 -30.32 29.39 -15.51
C ARG B 178 -29.03 30.19 -15.28
N GLN B 179 -28.88 30.80 -14.10
CA GLN B 179 -27.69 31.56 -13.70
C GLN B 179 -26.49 30.65 -13.62
N PHE B 180 -26.64 29.46 -13.00
CA PHE B 180 -25.60 28.47 -12.89
C PHE B 180 -25.10 28.03 -14.29
N LEU B 181 -26.03 27.72 -15.20
CA LEU B 181 -25.72 27.28 -16.56
C LEU B 181 -25.16 28.39 -17.45
N ALA B 182 -25.57 29.68 -17.23
CA ALA B 182 -25.04 30.86 -17.95
C ALA B 182 -23.58 31.11 -17.54
N GLY B 183 -23.30 30.92 -16.25
CA GLY B 183 -21.95 31.01 -15.69
C GLY B 183 -21.01 29.95 -16.23
N CYS B 184 -21.54 28.75 -16.52
CA CYS B 184 -20.83 27.62 -17.13
C CYS B 184 -20.43 27.96 -18.56
N VAL B 185 -21.33 28.62 -19.32
CA VAL B 185 -21.12 29.06 -20.70
C VAL B 185 -20.03 30.14 -20.75
N THR B 186 -20.08 31.10 -19.82
CA THR B 186 -19.11 32.21 -19.70
C THR B 186 -17.69 31.68 -19.40
N ALA B 187 -17.60 30.77 -18.42
CA ALA B 187 -16.35 30.17 -17.97
C ALA B 187 -15.72 29.32 -19.07
N GLY B 188 -16.55 28.61 -19.83
CA GLY B 188 -16.12 27.78 -20.95
C GLY B 188 -15.62 28.60 -22.12
N THR B 189 -16.28 29.73 -22.40
CA THR B 189 -15.93 30.65 -23.48
C THR B 189 -14.57 31.30 -23.17
N ASP B 190 -14.39 31.74 -21.90
CA ASP B 190 -13.16 32.37 -21.40
C ASP B 190 -11.96 31.41 -21.51
N LEU B 191 -12.18 30.12 -21.20
CA LEU B 191 -11.20 29.05 -21.29
C LEU B 191 -10.81 28.77 -22.75
N LEU B 192 -11.79 28.73 -23.65
CA LEU B 192 -11.58 28.53 -25.08
C LEU B 192 -10.78 29.68 -25.69
N GLU B 193 -11.02 30.93 -25.22
CA GLU B 193 -10.27 32.11 -25.67
C GLU B 193 -8.81 32.09 -25.21
N MET B 194 -8.57 31.51 -24.03
CA MET B 194 -7.26 31.33 -23.40
C MET B 194 -6.34 30.41 -24.27
N ILE B 195 -6.93 29.52 -25.11
CA ILE B 195 -6.22 28.61 -26.02
C ILE B 195 -5.63 29.39 -27.22
N LEU B 196 -6.44 30.29 -27.80
CA LEU B 196 -6.08 31.13 -28.95
C LEU B 196 -5.11 32.24 -28.53
N ILE C 1 -23.96 -2.78 17.22
CA ILE C 1 -23.43 -3.53 16.09
C ILE C 1 -21.89 -3.35 15.99
N THR C 2 -21.15 -4.47 16.01
CA THR C 2 -19.69 -4.47 15.97
C THR C 2 -19.12 -5.16 14.72
N ARG C 3 -18.18 -4.46 14.05
CA ARG C 3 -17.49 -4.83 12.81
C ARG C 3 -16.12 -5.50 13.04
N SER C 4 -15.79 -6.43 12.12
CA SER C 4 -14.54 -7.19 12.11
C SER C 4 -13.52 -6.65 11.08
N ASP C 5 -13.91 -5.61 10.29
CA ASP C 5 -13.08 -5.02 9.25
C ASP C 5 -12.46 -3.64 9.62
N ILE C 6 -12.35 -3.30 10.93
CA ILE C 6 -11.71 -2.06 11.39
C ILE C 6 -10.21 -2.33 11.59
N GLY C 7 -9.39 -1.68 10.78
CA GLY C 7 -7.94 -1.79 10.86
C GLY C 7 -7.33 -0.84 11.86
N CYS C 8 -6.06 -1.06 12.18
CA CYS C 8 -5.25 -0.26 13.11
C CYS C 8 -4.67 1.00 12.41
N GLY C 9 -4.66 1.02 11.07
CA GLY C 9 -4.16 2.14 10.27
C GLY C 9 -2.65 2.27 10.21
N THR C 10 -1.91 1.21 10.58
CA THR C 10 -0.46 1.18 10.60
C THR C 10 0.06 0.59 9.29
N VAL C 11 1.02 1.30 8.65
CA VAL C 11 1.65 0.94 7.38
C VAL C 11 2.41 -0.40 7.53
N GLY C 12 2.16 -1.31 6.60
CA GLY C 12 2.80 -2.63 6.54
C GLY C 12 2.28 -3.66 7.51
N CYS C 13 1.09 -3.43 8.11
CA CYS C 13 0.48 -4.38 9.03
C CYS C 13 -0.15 -5.53 8.25
N LYS C 14 0.38 -6.75 8.46
CA LYS C 14 -0.08 -7.98 7.79
C LYS C 14 -1.38 -8.48 8.38
N LEU C 15 -1.64 -8.18 9.67
CA LEU C 15 -2.86 -8.57 10.40
C LEU C 15 -4.11 -7.87 9.83
N CYS C 16 -3.96 -6.59 9.47
CA CYS C 16 -5.04 -5.79 8.94
C CYS C 16 -5.07 -5.76 7.40
N ALA C 17 -4.02 -6.28 6.74
CA ALA C 17 -3.92 -6.38 5.28
C ALA C 17 -5.05 -7.22 4.66
N SER C 18 -5.44 -8.32 5.35
CA SER C 18 -6.52 -9.22 4.92
C SER C 18 -7.90 -8.84 5.47
N THR C 19 -8.00 -8.61 6.80
CA THR C 19 -9.23 -8.27 7.54
C THR C 19 -9.85 -6.92 7.11
N ALA C 20 -9.03 -5.85 7.00
CA ALA C 20 -9.46 -4.50 6.60
C ALA C 20 -9.15 -4.18 5.13
N SER C 28 -3.79 3.64 5.59
CA SER C 28 -2.74 3.45 6.59
C SER C 28 -1.70 4.59 6.56
N SER C 29 -1.55 5.29 7.70
CA SER C 29 -0.68 6.46 7.87
C SER C 29 0.24 6.33 9.10
N LEU C 30 -0.02 5.37 9.99
CA LEU C 30 0.78 5.20 11.19
C LEU C 30 2.02 4.36 10.96
N VAL C 31 3.11 4.70 11.65
CA VAL C 31 4.35 3.98 11.55
C VAL C 31 4.67 3.25 12.87
N PRO C 32 5.22 2.01 12.78
CA PRO C 32 5.59 1.29 14.02
C PRO C 32 6.97 1.71 14.58
N THR C 33 7.68 2.56 13.86
CA THR C 33 9.06 3.00 14.15
C THR C 33 9.12 4.20 15.08
N ALA C 34 7.96 4.73 15.46
CA ALA C 34 7.83 5.86 16.38
C ALA C 34 6.71 5.51 17.36
N PRO C 35 6.66 6.14 18.58
CA PRO C 35 5.54 5.84 19.50
C PRO C 35 4.19 6.18 18.88
N ILE C 36 3.19 5.33 19.15
CA ILE C 36 1.81 5.53 18.74
C ILE C 36 1.09 6.33 19.85
N MET C 37 0.78 7.61 19.57
CA MET C 37 0.13 8.54 20.49
C MET C 37 -1.39 8.41 20.45
N ILE C 38 -1.97 8.16 21.62
CA ILE C 38 -3.41 8.07 21.74
C ILE C 38 -3.89 9.16 22.73
N PRO C 39 -4.15 10.39 22.24
CA PRO C 39 -4.63 11.46 23.14
C PRO C 39 -6.12 11.32 23.50
N ASP C 40 -6.46 11.73 24.72
CA ASP C 40 -7.85 11.77 25.17
C ASP C 40 -8.41 13.15 24.75
N ALA C 41 -9.73 13.37 24.84
CA ALA C 41 -10.39 14.62 24.42
C ALA C 41 -9.83 15.90 25.08
N VAL C 42 -9.57 15.86 26.42
CA VAL C 42 -9.02 16.98 27.21
C VAL C 42 -7.66 17.47 26.66
N THR C 43 -6.78 16.54 26.25
CA THR C 43 -5.48 16.82 25.63
C THR C 43 -5.62 17.59 24.29
N ILE C 44 -6.54 17.14 23.42
CA ILE C 44 -6.82 17.78 22.12
C ILE C 44 -7.41 19.19 22.34
N LEU C 45 -8.42 19.29 23.24
CA LEU C 45 -9.10 20.54 23.57
C LEU C 45 -8.15 21.60 24.16
N HIS C 46 -7.18 21.17 24.97
CA HIS C 46 -6.22 22.07 25.61
C HIS C 46 -4.94 22.34 24.80
N ASN C 47 -4.60 21.46 23.84
CA ASN C 47 -3.38 21.57 23.05
C ASN C 47 -3.57 21.37 21.56
N MET C 48 -4.62 21.98 20.97
CA MET C 48 -4.90 21.84 19.53
C MET C 48 -3.78 22.46 18.65
N ASN C 49 -3.15 23.55 19.11
CA ASN C 49 -2.04 24.22 18.42
C ASN C 49 -0.83 23.29 18.27
N ALA C 50 -0.56 22.47 19.31
CA ALA C 50 0.48 21.46 19.38
C ALA C 50 0.12 20.29 18.44
N MET C 51 -1.14 19.84 18.46
CA MET C 51 -1.67 18.77 17.59
C MET C 51 -1.47 19.10 16.10
N GLU C 52 -1.66 20.36 15.71
CA GLU C 52 -1.53 20.88 14.34
C GLU C 52 -0.09 21.07 13.90
N ASP C 53 0.85 21.13 14.87
CA ASP C 53 2.26 21.30 14.60
C ASP C 53 2.87 20.04 13.95
N ALA C 54 3.71 20.24 12.91
CA ALA C 54 4.42 19.20 12.14
C ALA C 54 5.36 18.31 12.99
N ARG C 55 5.82 18.84 14.14
CA ARG C 55 6.67 18.13 15.10
C ARG C 55 5.91 17.04 15.86
N ILE C 56 4.55 17.09 15.87
CA ILE C 56 3.72 16.07 16.51
C ILE C 56 3.15 15.14 15.44
N GLN C 57 3.55 13.87 15.45
CA GLN C 57 3.17 12.87 14.46
C GLN C 57 2.76 11.56 15.13
N ASN C 58 2.16 10.63 14.37
CA ASN C 58 1.75 9.27 14.76
C ASN C 58 0.64 9.23 15.82
N ILE C 59 -0.49 9.86 15.46
CA ILE C 59 -1.65 10.03 16.32
C ILE C 59 -2.83 9.12 15.96
N VAL C 60 -3.31 8.35 16.97
CA VAL C 60 -4.53 7.58 16.84
C VAL C 60 -5.63 8.48 17.39
N LEU C 61 -6.57 8.82 16.51
CA LEU C 61 -7.75 9.59 16.85
C LEU C 61 -8.90 8.60 17.03
N LEU C 62 -9.23 8.28 18.30
CA LEU C 62 -10.36 7.36 18.62
C LEU C 62 -11.69 8.05 18.33
N SER C 63 -12.64 7.34 17.70
CA SER C 63 -13.94 7.93 17.36
C SER C 63 -14.75 8.37 18.63
N THR C 64 -14.57 7.69 19.77
CA THR C 64 -15.20 8.11 21.03
C THR C 64 -14.63 9.46 21.48
N VAL C 65 -13.30 9.65 21.30
CA VAL C 65 -12.55 10.87 21.62
C VAL C 65 -13.01 12.00 20.67
N MET C 66 -13.16 11.67 19.36
CA MET C 66 -13.67 12.56 18.30
C MET C 66 -15.05 13.08 18.64
N SER C 67 -15.95 12.17 19.10
CA SER C 67 -17.32 12.48 19.49
C SER C 67 -17.35 13.42 20.69
N GLU C 68 -16.46 13.18 21.66
CA GLU C 68 -16.29 13.98 22.88
C GLU C 68 -15.73 15.38 22.54
N VAL C 69 -14.80 15.50 21.56
CA VAL C 69 -14.24 16.79 21.10
C VAL C 69 -15.33 17.59 20.36
N GLN C 70 -16.11 16.92 19.49
CA GLN C 70 -17.24 17.49 18.75
C GLN C 70 -18.34 18.05 19.68
N GLU C 71 -18.65 17.32 20.78
CA GLU C 71 -19.61 17.72 21.80
C GLU C 71 -19.15 18.93 22.61
N ARG C 72 -17.84 19.02 22.89
CA ARG C 72 -17.26 20.09 23.72
C ARG C 72 -16.84 21.38 22.95
N ASN C 73 -16.30 21.25 21.71
CA ASN C 73 -15.83 22.40 20.92
C ASN C 73 -15.84 22.06 19.45
N LYS C 74 -16.81 22.63 18.72
CA LYS C 74 -17.04 22.47 17.28
C LYS C 74 -15.88 23.05 16.45
N ALA C 75 -15.28 24.17 16.92
CA ALA C 75 -14.16 24.84 16.25
C ALA C 75 -12.86 23.99 16.27
N ILE C 76 -12.55 23.31 17.40
CA ILE C 76 -11.38 22.43 17.53
C ILE C 76 -11.62 21.12 16.74
N TYR C 77 -12.88 20.67 16.72
CA TYR C 77 -13.27 19.47 16.00
C TYR C 77 -13.10 19.63 14.48
N ALA C 78 -13.33 20.85 13.96
CA ALA C 78 -13.16 21.18 12.53
C ALA C 78 -11.65 21.18 12.18
N ARG C 79 -10.83 21.77 13.07
CA ARG C 79 -9.38 21.81 13.03
C ARG C 79 -8.75 20.38 13.04
N LEU C 80 -9.40 19.47 13.75
CA LEU C 80 -9.06 18.06 13.85
C LEU C 80 -9.43 17.33 12.53
N GLN C 81 -10.56 17.71 11.90
CA GLN C 81 -11.02 17.17 10.60
C GLN C 81 -10.09 17.63 9.48
N ARG C 82 -9.56 18.87 9.58
CA ARG C 82 -8.59 19.45 8.65
C ARG C 82 -7.27 18.64 8.60
N LEU C 83 -6.83 18.13 9.75
CA LEU C 83 -5.63 17.30 9.88
C LEU C 83 -5.80 15.97 9.14
N VAL C 84 -7.00 15.39 9.25
CA VAL C 84 -7.40 14.15 8.58
C VAL C 84 -7.55 14.40 7.04
N GLY C 85 -8.33 15.41 6.67
CA GLY C 85 -8.58 15.78 5.27
C GLY C 85 -7.38 16.31 4.52
N GLY C 86 -6.40 16.87 5.26
CA GLY C 86 -5.17 17.44 4.72
C GLY C 86 -4.23 16.44 4.10
N GLU C 87 -4.24 15.17 4.62
CA GLU C 87 -3.44 14.03 4.17
C GLU C 87 -1.91 14.31 4.22
N ARG C 88 -1.49 15.09 5.23
CA ARG C 88 -0.10 15.47 5.47
C ARG C 88 0.24 15.24 6.92
N LYS C 89 -0.51 14.36 7.56
CA LYS C 89 -0.30 14.10 8.98
C LYS C 89 -0.36 12.62 9.22
N GLN C 90 0.59 12.08 10.01
CA GLN C 90 0.55 10.68 10.39
C GLN C 90 -0.51 10.61 11.52
N CYS C 91 -1.77 10.45 11.13
CA CYS C 91 -2.91 10.34 12.03
C CYS C 91 -3.95 9.41 11.43
N TYR C 92 -4.66 8.69 12.29
CA TYR C 92 -5.66 7.74 11.83
C TYR C 92 -6.86 7.74 12.74
N VAL C 93 -8.06 7.74 12.13
CA VAL C 93 -9.31 7.66 12.88
C VAL C 93 -9.65 6.18 13.08
N PHE C 94 -9.50 5.69 14.33
CA PHE C 94 -9.81 4.32 14.72
C PHE C 94 -11.22 4.27 15.34
N SER C 95 -12.12 3.50 14.70
CA SER C 95 -13.49 3.27 15.14
C SER C 95 -13.54 2.26 16.28
N ASN C 96 -13.14 2.70 17.49
CA ASN C 96 -13.10 1.87 18.71
C ASN C 96 -14.51 1.51 19.20
N ASP C 97 -15.54 2.26 18.78
CA ASP C 97 -16.93 1.99 19.10
C ASP C 97 -17.55 0.93 18.18
N ARG C 98 -16.96 0.70 16.99
CA ARG C 98 -17.44 -0.27 16.01
C ARG C 98 -16.63 -1.57 16.07
N HIS C 99 -15.36 -1.50 16.47
CA HIS C 99 -14.44 -2.64 16.58
C HIS C 99 -14.87 -3.56 17.72
N GLU C 100 -15.02 -4.88 17.43
CA GLU C 100 -15.48 -5.91 18.37
C GLU C 100 -14.66 -6.06 19.64
N GLN C 101 -13.34 -5.92 19.53
CA GLN C 101 -12.39 -6.09 20.64
C GLN C 101 -12.19 -4.83 21.50
N THR C 102 -12.71 -3.67 21.04
CA THR C 102 -12.55 -2.41 21.78
C THR C 102 -13.86 -1.74 22.18
N HIS C 103 -15.00 -2.19 21.63
CA HIS C 103 -16.31 -1.60 21.90
C HIS C 103 -16.76 -1.78 23.35
N CYS C 104 -16.93 -0.66 24.05
CA CYS C 104 -17.36 -0.56 25.45
C CYS C 104 -18.78 -0.02 25.50
N VAL C 105 -19.59 -0.62 26.38
CA VAL C 105 -20.96 -0.16 26.63
C VAL C 105 -20.97 0.42 28.03
N MET C 106 -21.54 1.63 28.18
CA MET C 106 -21.60 2.31 29.47
C MET C 106 -22.46 1.55 30.49
N GLN C 107 -21.85 1.25 31.64
CA GLN C 107 -22.47 0.56 32.77
C GLN C 107 -23.19 1.57 33.67
N SER C 108 -24.14 1.10 34.49
CA SER C 108 -24.96 1.94 35.39
C SER C 108 -24.16 2.72 36.44
N GLU C 109 -23.13 2.06 37.04
CA GLU C 109 -22.26 2.60 38.08
C GLU C 109 -21.23 3.62 37.60
N GLU C 110 -20.96 3.66 36.26
CA GLU C 110 -19.98 4.53 35.61
C GLU C 110 -20.46 5.95 35.33
N THR C 111 -19.55 6.93 35.53
CA THR C 111 -19.79 8.32 35.17
C THR C 111 -19.31 8.48 33.71
N ARG C 112 -19.64 9.61 33.06
CA ARG C 112 -19.25 9.95 31.69
C ARG C 112 -17.72 9.90 31.57
N SER C 113 -17.01 10.43 32.58
CA SER C 113 -15.56 10.48 32.68
C SER C 113 -14.94 9.09 32.79
N ASP C 114 -15.48 8.22 33.68
CA ASP C 114 -15.01 6.84 33.91
C ASP C 114 -15.15 5.97 32.67
N PHE C 115 -16.27 6.11 31.93
CA PHE C 115 -16.57 5.37 30.71
C PHE C 115 -15.61 5.76 29.59
N ASN C 116 -15.36 7.06 29.43
CA ASN C 116 -14.46 7.62 28.44
C ASN C 116 -13.00 7.24 28.74
N ASP C 117 -12.66 7.13 30.05
CA ASP C 117 -11.36 6.69 30.54
C ASP C 117 -11.14 5.21 30.18
N ARG C 118 -12.20 4.37 30.37
CA ARG C 118 -12.20 2.94 30.10
C ARG C 118 -12.05 2.69 28.59
N CYS C 119 -12.76 3.48 27.75
CA CYS C 119 -12.73 3.44 26.29
C CYS C 119 -11.33 3.58 25.73
N VAL C 120 -10.61 4.61 26.21
CA VAL C 120 -9.24 4.95 25.84
C VAL C 120 -8.26 3.85 26.31
N ARG C 121 -8.42 3.38 27.54
CA ARG C 121 -7.60 2.33 28.17
C ARG C 121 -7.76 0.98 27.42
N VAL C 122 -8.99 0.63 27.04
CA VAL C 122 -9.32 -0.60 26.30
C VAL C 122 -8.72 -0.55 24.88
N ALA C 123 -8.86 0.60 24.18
CA ALA C 123 -8.31 0.82 22.83
C ALA C 123 -6.76 0.86 22.83
N GLY C 124 -6.19 1.42 23.89
CA GLY C 124 -4.75 1.49 24.09
C GLY C 124 -4.13 0.12 24.33
N ARG C 125 -4.82 -0.72 25.14
CA ARG C 125 -4.40 -2.09 25.45
C ARG C 125 -4.49 -2.97 24.20
N TRP C 126 -5.50 -2.75 23.35
CA TRP C 126 -5.68 -3.48 22.09
C TRP C 126 -4.57 -3.12 21.13
N TYR C 127 -4.29 -1.80 20.96
CA TYR C 127 -3.24 -1.27 20.09
C TYR C 127 -1.87 -1.81 20.45
N ALA C 128 -1.55 -1.81 21.74
CA ALA C 128 -0.27 -2.30 22.28
C ALA C 128 -0.05 -3.80 21.99
N GLN C 129 -1.06 -4.65 22.28
CA GLN C 129 -1.02 -6.08 22.04
C GLN C 129 -1.03 -6.42 20.55
N HIS C 130 -1.78 -5.66 19.75
CA HIS C 130 -1.94 -5.82 18.31
C HIS C 130 -0.63 -5.53 17.55
N LEU C 131 -0.02 -4.37 17.83
CA LEU C 131 1.24 -3.92 17.23
C LEU C 131 2.43 -4.81 17.62
N ALA C 132 2.42 -5.41 18.84
CA ALA C 132 3.45 -6.33 19.28
C ALA C 132 3.39 -7.62 18.45
N LEU C 133 2.18 -8.01 18.01
CA LEU C 133 1.98 -9.21 17.18
C LEU C 133 2.24 -8.94 15.69
N ALA C 134 1.92 -7.74 15.23
CA ALA C 134 2.05 -7.28 13.84
C ALA C 134 3.49 -6.92 13.50
N PHE C 135 4.22 -6.38 14.49
CA PHE C 135 5.63 -5.99 14.36
C PHE C 135 6.39 -6.55 15.53
N PRO C 136 6.60 -7.90 15.57
CA PRO C 136 7.35 -8.47 16.69
C PRO C 136 8.81 -8.04 16.68
N ALA C 137 9.46 -8.10 17.86
CA ALA C 137 10.87 -7.75 18.00
C ALA C 137 11.80 -8.63 17.12
N VAL C 138 12.76 -7.96 16.46
CA VAL C 138 13.78 -8.57 15.62
C VAL C 138 15.05 -8.46 16.47
N THR C 139 15.58 -9.62 16.92
CA THR C 139 16.74 -9.77 17.81
C THR C 139 17.92 -8.87 17.44
N GLY C 140 18.25 -7.96 18.35
CA GLY C 140 19.34 -7.00 18.20
C GLY C 140 19.16 -5.96 17.12
N VAL C 141 17.96 -5.89 16.49
CA VAL C 141 17.63 -4.95 15.43
C VAL C 141 16.61 -3.93 15.94
N ALA C 142 15.42 -4.40 16.37
CA ALA C 142 14.33 -3.55 16.86
C ALA C 142 13.41 -4.23 17.85
N GLU C 143 12.82 -3.41 18.72
CA GLU C 143 11.85 -3.82 19.75
C GLU C 143 10.43 -3.72 19.16
N ILE C 144 9.42 -4.22 19.90
CA ILE C 144 7.99 -4.10 19.55
C ILE C 144 7.56 -2.60 19.58
N PRO C 145 6.54 -2.16 18.80
CA PRO C 145 6.12 -0.74 18.86
C PRO C 145 5.57 -0.29 20.24
N SER C 146 5.76 0.99 20.56
CA SER C 146 5.36 1.63 21.82
C SER C 146 4.04 2.41 21.63
N VAL C 147 3.10 2.23 22.57
CA VAL C 147 1.83 2.92 22.58
C VAL C 147 1.79 3.83 23.81
N VAL C 148 1.51 5.12 23.60
CA VAL C 148 1.41 6.11 24.70
C VAL C 148 0.02 6.74 24.74
N LEU C 149 -0.71 6.57 25.87
CA LEU C 149 -2.00 7.23 26.13
C LEU C 149 -1.65 8.63 26.63
N VAL C 150 -2.09 9.67 25.92
CA VAL C 150 -1.78 11.05 26.29
C VAL C 150 -2.98 11.63 27.07
N SER C 151 -2.82 11.64 28.41
CA SER C 151 -3.86 12.02 29.35
C SER C 151 -3.32 12.59 30.66
N HIS C 152 -4.14 13.42 31.33
CA HIS C 152 -3.83 13.96 32.66
C HIS C 152 -4.24 12.96 33.75
N ASP C 153 -5.14 12.04 33.40
CA ASP C 153 -5.62 10.98 34.27
C ASP C 153 -4.63 9.82 34.27
N LYS C 154 -4.55 9.09 35.38
CA LYS C 154 -3.70 7.92 35.47
C LYS C 154 -4.56 6.74 35.02
N LEU C 155 -4.72 6.65 33.68
CA LEU C 155 -5.55 5.67 32.97
C LEU C 155 -5.19 4.21 33.22
N LEU C 156 -3.91 3.92 33.47
CA LEU C 156 -3.44 2.55 33.71
C LEU C 156 -3.26 2.28 35.21
N GLN C 157 -3.82 3.21 36.03
CA GLN C 157 -3.84 3.24 37.51
C GLN C 157 -2.45 3.25 38.12
N GLU C 167 3.22 -2.47 33.25
CA GLU C 167 2.33 -3.37 33.97
C GLU C 167 2.26 -4.71 33.21
N ASN C 168 1.03 -5.22 32.93
CA ASN C 168 0.78 -6.47 32.20
C ASN C 168 1.25 -6.28 30.76
N ILE C 169 1.06 -5.05 30.20
CA ILE C 169 1.50 -4.70 28.86
C ILE C 169 2.69 -3.71 28.94
N SER C 170 3.89 -4.23 28.63
CA SER C 170 5.18 -3.53 28.67
C SER C 170 5.33 -2.35 27.68
N ASN C 171 4.73 -2.47 26.48
CA ASN C 171 4.81 -1.44 25.43
C ASN C 171 3.65 -0.41 25.47
N LEU C 172 2.92 -0.34 26.60
CA LEU C 172 1.84 0.60 26.83
C LEU C 172 2.13 1.50 28.03
N SER C 173 2.05 2.81 27.84
CA SER C 173 2.25 3.79 28.91
C SER C 173 1.20 4.90 28.85
N CYS C 174 1.08 5.67 29.94
CA CYS C 174 0.19 6.82 30.04
C CYS C 174 0.98 7.99 30.64
N LEU C 175 1.06 9.08 29.86
CA LEU C 175 1.78 10.31 30.21
C LEU C 175 0.94 11.51 29.83
N THR C 176 1.24 12.68 30.44
CA THR C 176 0.61 13.93 30.02
C THR C 176 1.41 14.37 28.78
N LEU C 177 0.88 15.31 27.96
CA LEU C 177 1.59 15.80 26.77
C LEU C 177 2.96 16.43 27.13
N ARG C 178 3.03 17.15 28.27
CA ARG C 178 4.20 17.79 28.86
C ARG C 178 5.27 16.73 29.17
N GLN C 179 4.89 15.63 29.86
CA GLN C 179 5.77 14.51 30.21
C GLN C 179 6.29 13.82 28.96
N PHE C 180 5.38 13.56 28.01
CA PHE C 180 5.71 12.92 26.73
C PHE C 180 6.69 13.75 25.94
N LEU C 181 6.45 15.07 25.81
CA LEU C 181 7.32 15.99 25.08
C LEU C 181 8.66 16.27 25.77
N ALA C 182 8.69 16.26 27.12
CA ALA C 182 9.93 16.44 27.90
C ALA C 182 10.85 15.22 27.70
N GLY C 183 10.23 14.04 27.64
CA GLY C 183 10.91 12.77 27.39
C GLY C 183 11.49 12.70 25.99
N CYS C 184 10.82 13.34 25.01
CA CYS C 184 11.25 13.47 23.61
C CYS C 184 12.50 14.32 23.52
N VAL C 185 12.55 15.43 24.30
CA VAL C 185 13.69 16.34 24.37
C VAL C 185 14.90 15.64 24.99
N THR C 186 14.68 14.87 26.06
CA THR C 186 15.70 14.08 26.76
C THR C 186 16.33 13.01 25.85
N ALA C 187 15.48 12.29 25.12
CA ALA C 187 15.88 11.23 24.17
C ALA C 187 16.69 11.79 23.00
N GLY C 188 16.29 12.95 22.52
CA GLY C 188 16.97 13.64 21.43
C GLY C 188 18.32 14.20 21.85
N THR C 189 18.42 14.71 23.09
CA THR C 189 19.66 15.23 23.69
C THR C 189 20.67 14.08 23.87
N ASP C 190 20.20 12.94 24.37
CA ASP C 190 21.00 11.74 24.59
C ASP C 190 21.60 11.20 23.27
N LEU C 191 20.80 11.22 22.20
CA LEU C 191 21.17 10.83 20.85
C LEU C 191 22.24 11.78 20.28
N LEU C 192 22.05 13.10 20.46
CA LEU C 192 22.98 14.13 20.00
C LEU C 192 24.34 13.99 20.73
N GLU C 193 24.32 13.62 22.03
CA GLU C 193 25.54 13.41 22.81
C GLU C 193 26.33 12.17 22.32
N MET C 194 25.59 11.15 21.85
CA MET C 194 26.11 9.88 21.32
C MET C 194 26.93 10.12 20.02
N ILE C 195 26.44 11.01 19.14
CA ILE C 195 27.06 11.37 17.86
C ILE C 195 28.28 12.28 18.08
N LEU C 196 28.23 13.15 19.11
CA LEU C 196 29.32 14.07 19.46
C LEU C 196 30.45 13.32 20.20
N ILE D 6 -3.11 -3.78 -14.00
CA ILE D 6 -3.16 -2.55 -14.79
C ILE D 6 -4.62 -2.21 -15.15
N GLY D 7 -5.11 -1.09 -14.61
CA GLY D 7 -6.49 -0.64 -14.81
C GLY D 7 -6.65 0.61 -15.65
N CYS D 8 -7.90 0.92 -15.99
CA CYS D 8 -8.30 2.08 -16.78
C CYS D 8 -8.41 3.36 -15.92
N GLY D 9 -8.47 3.19 -14.59
CA GLY D 9 -8.56 4.29 -13.63
C GLY D 9 -9.92 4.97 -13.52
N THR D 10 -10.97 4.33 -14.06
CA THR D 10 -12.34 4.84 -14.06
C THR D 10 -13.11 4.29 -12.86
N VAL D 11 -13.73 5.20 -12.09
CA VAL D 11 -14.53 4.91 -10.89
C VAL D 11 -15.74 4.03 -11.24
N GLY D 12 -15.93 2.96 -10.47
CA GLY D 12 -17.04 2.02 -10.64
C GLY D 12 -16.88 1.01 -11.76
N CYS D 13 -15.65 0.85 -12.30
CA CYS D 13 -15.40 -0.12 -13.36
C CYS D 13 -15.30 -1.54 -12.78
N LYS D 14 -16.24 -2.41 -13.18
CA LYS D 14 -16.32 -3.79 -12.72
C LYS D 14 -15.24 -4.68 -13.34
N LEU D 15 -14.76 -4.32 -14.55
CA LEU D 15 -13.71 -5.04 -15.29
C LEU D 15 -12.35 -4.91 -14.60
N CYS D 16 -12.06 -3.72 -14.05
CA CYS D 16 -10.79 -3.43 -13.37
C CYS D 16 -10.90 -3.62 -11.84
N ALA D 17 -11.20 -4.89 -11.45
CA ALA D 17 -11.37 -5.39 -10.08
C ALA D 17 -12.36 -4.56 -9.25
N SER D 29 -9.91 7.78 -10.53
CA SER D 29 -10.24 9.21 -10.54
C SER D 29 -11.10 9.62 -11.75
N LEU D 30 -11.16 8.77 -12.79
CA LEU D 30 -11.93 9.09 -13.99
C LEU D 30 -13.41 8.75 -13.85
N VAL D 31 -14.26 9.56 -14.47
CA VAL D 31 -15.71 9.33 -14.46
C VAL D 31 -16.22 8.96 -15.87
N PRO D 32 -17.17 8.00 -15.99
CA PRO D 32 -17.72 7.67 -17.31
C PRO D 32 -18.84 8.62 -17.79
N THR D 33 -19.23 9.57 -16.90
CA THR D 33 -20.32 10.54 -17.10
C THR D 33 -19.87 11.82 -17.81
N ALA D 34 -18.60 11.89 -18.16
CA ALA D 34 -18.00 13.00 -18.89
C ALA D 34 -17.06 12.40 -19.94
N PRO D 35 -16.75 13.10 -21.06
CA PRO D 35 -15.78 12.53 -22.03
C PRO D 35 -14.40 12.30 -21.41
N ILE D 36 -13.75 11.21 -21.83
CA ILE D 36 -12.43 10.83 -21.38
C ILE D 36 -11.43 11.46 -22.37
N MET D 37 -10.66 12.45 -21.89
CA MET D 37 -9.67 13.21 -22.64
C MET D 37 -8.34 12.46 -22.66
N ILE D 38 -7.80 12.16 -23.86
CA ILE D 38 -6.48 11.54 -23.98
C ILE D 38 -5.58 12.48 -24.83
N PRO D 39 -4.93 13.50 -24.21
CA PRO D 39 -4.07 14.41 -25.00
C PRO D 39 -2.71 13.82 -25.39
N ASP D 40 -2.15 14.29 -26.53
CA ASP D 40 -0.81 13.91 -26.98
C ASP D 40 0.19 14.88 -26.33
N ALA D 41 1.49 14.65 -26.53
CA ALA D 41 2.56 15.49 -25.97
C ALA D 41 2.50 16.94 -26.44
N VAL D 42 2.26 17.17 -27.74
CA VAL D 42 2.15 18.50 -28.38
C VAL D 42 1.08 19.37 -27.71
N THR D 43 -0.10 18.79 -27.40
CA THR D 43 -1.24 19.44 -26.73
C THR D 43 -0.86 19.93 -25.32
N ILE D 44 -0.20 19.07 -24.52
CA ILE D 44 0.26 19.37 -23.17
C ILE D 44 1.34 20.48 -23.21
N LEU D 45 2.35 20.31 -24.10
CA LEU D 45 3.46 21.26 -24.29
C LEU D 45 2.99 22.66 -24.71
N HIS D 46 1.97 22.72 -25.59
CA HIS D 46 1.44 23.99 -26.08
C HIS D 46 0.32 24.61 -25.23
N ASN D 47 -0.39 23.79 -24.40
CA ASN D 47 -1.49 24.27 -23.59
C ASN D 47 -1.44 23.84 -22.12
N MET D 48 -0.26 23.94 -21.48
CA MET D 48 -0.11 23.54 -20.08
C MET D 48 -0.99 24.39 -19.12
N ASN D 49 -1.13 25.70 -19.41
CA ASN D 49 -1.97 26.63 -18.62
C ASN D 49 -3.43 26.19 -18.58
N ALA D 50 -3.93 25.66 -19.72
CA ALA D 50 -5.27 25.10 -19.90
C ALA D 50 -5.42 23.79 -19.13
N MET D 51 -4.39 22.91 -19.23
CA MET D 51 -4.34 21.62 -18.54
C MET D 51 -4.47 21.79 -17.01
N GLU D 52 -3.83 22.83 -16.45
CA GLU D 52 -3.80 23.19 -15.04
C GLU D 52 -5.09 23.83 -14.54
N ASP D 53 -5.92 24.34 -15.46
CA ASP D 53 -7.18 24.99 -15.15
C ASP D 53 -8.23 23.97 -14.69
N ALA D 54 -8.98 24.35 -13.62
CA ALA D 54 -10.03 23.56 -12.95
C ALA D 54 -11.19 23.16 -13.88
N ARG D 55 -11.41 23.93 -14.96
CA ARG D 55 -12.46 23.69 -15.97
C ARG D 55 -12.13 22.47 -16.85
N ILE D 56 -10.84 22.08 -16.92
CA ILE D 56 -10.39 20.91 -17.69
C ILE D 56 -10.21 19.71 -16.73
N GLN D 57 -11.03 18.67 -16.90
CA GLN D 57 -11.08 17.47 -16.07
C GLN D 57 -11.24 16.20 -16.93
N ASN D 58 -11.04 15.01 -16.29
CA ASN D 58 -11.17 13.67 -16.87
C ASN D 58 -10.08 13.35 -17.95
N ILE D 59 -8.82 13.47 -17.53
CA ILE D 59 -7.65 13.32 -18.38
C ILE D 59 -6.90 11.99 -18.18
N VAL D 60 -6.68 11.25 -19.27
CA VAL D 60 -5.83 10.06 -19.28
C VAL D 60 -4.47 10.56 -19.71
N LEU D 61 -3.50 10.43 -18.80
CA LEU D 61 -2.10 10.75 -19.04
C LEU D 61 -1.36 9.44 -19.36
N LEU D 62 -1.11 9.19 -20.66
CA LEU D 62 -0.38 7.97 -21.09
C LEU D 62 1.10 8.11 -20.72
N SER D 63 1.69 7.03 -20.18
CA SER D 63 3.10 6.97 -19.77
C SER D 63 4.07 7.31 -20.92
N THR D 64 3.70 6.98 -22.18
CA THR D 64 4.51 7.27 -23.37
C THR D 64 4.42 8.76 -23.75
N VAL D 65 3.28 9.40 -23.46
CA VAL D 65 3.03 10.83 -23.65
C VAL D 65 3.84 11.60 -22.59
N MET D 66 3.84 11.07 -21.32
CA MET D 66 4.59 11.58 -20.16
C MET D 66 6.08 11.61 -20.48
N SER D 67 6.61 10.49 -21.05
CA SER D 67 8.02 10.32 -21.42
C SER D 67 8.41 11.33 -22.50
N GLU D 68 7.52 11.55 -23.47
CA GLU D 68 7.70 12.49 -24.58
C GLU D 68 7.69 13.96 -24.07
N VAL D 69 6.83 14.29 -23.09
CA VAL D 69 6.76 15.63 -22.47
C VAL D 69 8.07 15.92 -21.70
N GLN D 70 8.59 14.94 -20.91
CA GLN D 70 9.84 15.07 -20.16
C GLN D 70 11.06 15.26 -21.10
N GLU D 71 11.06 14.53 -22.24
CA GLU D 71 12.09 14.57 -23.28
C GLU D 71 12.21 15.97 -23.90
N ARG D 72 11.05 16.64 -24.10
CA ARG D 72 10.91 17.93 -24.77
C ARG D 72 10.92 19.17 -23.86
N ASN D 73 10.36 19.07 -22.62
CA ASN D 73 10.32 20.19 -21.68
C ASN D 73 10.19 19.69 -20.26
N LYS D 74 11.29 19.78 -19.50
CA LYS D 74 11.39 19.37 -18.09
C LYS D 74 10.50 20.25 -17.18
N ALA D 75 10.37 21.56 -17.50
CA ALA D 75 9.55 22.50 -16.72
C ALA D 75 8.04 22.21 -16.82
N ILE D 76 7.56 21.85 -18.04
CA ILE D 76 6.16 21.49 -18.27
C ILE D 76 5.86 20.11 -17.66
N TYR D 77 6.85 19.20 -17.69
CA TYR D 77 6.74 17.85 -17.13
C TYR D 77 6.61 17.88 -15.58
N ALA D 78 7.25 18.85 -14.92
CA ALA D 78 7.19 19.06 -13.48
C ALA D 78 5.77 19.54 -13.10
N ARG D 79 5.22 20.47 -13.92
CA ARG D 79 3.87 21.04 -13.82
C ARG D 79 2.78 19.95 -13.99
N LEU D 80 3.08 18.96 -14.84
CA LEU D 80 2.27 17.78 -15.11
C LEU D 80 2.31 16.81 -13.90
N GLN D 81 3.48 16.68 -13.23
CA GLN D 81 3.67 15.86 -12.04
C GLN D 81 2.94 16.47 -10.85
N ARG D 82 2.89 17.82 -10.79
CA ARG D 82 2.18 18.58 -9.75
C ARG D 82 0.67 18.29 -9.78
N LEU D 83 0.09 18.15 -10.99
CA LEU D 83 -1.33 17.84 -11.20
C LEU D 83 -1.67 16.46 -10.65
N VAL D 84 -0.75 15.50 -10.86
CA VAL D 84 -0.86 14.11 -10.40
C VAL D 84 -0.68 14.07 -8.85
N GLY D 85 0.42 14.64 -8.35
CA GLY D 85 0.75 14.70 -6.93
C GLY D 85 -0.19 15.53 -6.09
N GLY D 86 -0.86 16.50 -6.72
CA GLY D 86 -1.82 17.40 -6.08
C GLY D 86 -3.09 16.74 -5.58
N GLU D 87 -3.51 15.66 -6.27
CA GLU D 87 -4.71 14.83 -5.99
C GLU D 87 -6.01 15.67 -5.93
N ARG D 88 -6.08 16.67 -6.83
CA ARG D 88 -7.22 17.59 -6.97
C ARG D 88 -7.62 17.66 -8.42
N LYS D 89 -7.30 16.64 -9.19
CA LYS D 89 -7.56 16.62 -10.60
C LYS D 89 -8.07 15.26 -11.00
N GLN D 90 -9.15 15.20 -11.82
CA GLN D 90 -9.63 13.94 -12.38
C GLN D 90 -8.66 13.62 -13.52
N CYS D 91 -7.57 12.94 -13.16
CA CYS D 91 -6.53 12.53 -14.11
C CYS D 91 -5.97 11.20 -13.67
N TYR D 92 -5.54 10.41 -14.64
CA TYR D 92 -5.03 9.08 -14.35
C TYR D 92 -3.85 8.78 -15.25
N VAL D 93 -2.77 8.26 -14.65
CA VAL D 93 -1.60 7.84 -15.40
C VAL D 93 -1.82 6.38 -15.82
N PHE D 94 -2.05 6.16 -17.12
CA PHE D 94 -2.24 4.83 -17.69
C PHE D 94 -0.92 4.36 -18.30
N SER D 95 -0.39 3.23 -17.76
CA SER D 95 0.85 2.63 -18.21
C SER D 95 0.60 1.81 -19.47
N ASN D 96 0.46 2.51 -20.60
CA ASN D 96 0.20 1.98 -21.94
C ASN D 96 1.41 1.19 -22.50
N ASP D 97 2.60 1.38 -21.90
CA ASP D 97 3.83 0.67 -22.26
C ASP D 97 3.99 -0.65 -21.46
N ARG D 98 3.29 -0.79 -20.32
CA ARG D 98 3.30 -1.98 -19.46
C ARG D 98 2.10 -2.89 -19.70
N HIS D 99 0.95 -2.30 -20.11
CA HIS D 99 -0.30 -3.01 -20.39
C HIS D 99 -0.15 -3.85 -21.68
N GLU D 100 -0.47 -5.16 -21.58
CA GLU D 100 -0.33 -6.15 -22.66
C GLU D 100 -1.12 -5.83 -23.94
N GLN D 101 -2.32 -5.25 -23.80
CA GLN D 101 -3.21 -4.94 -24.93
C GLN D 101 -2.91 -3.59 -25.63
N THR D 102 -2.06 -2.74 -25.03
CA THR D 102 -1.71 -1.42 -25.60
C THR D 102 -0.23 -1.27 -25.93
N HIS D 103 0.65 -2.10 -25.34
CA HIS D 103 2.10 -2.02 -25.56
C HIS D 103 2.49 -2.28 -27.02
N CYS D 104 2.90 -1.22 -27.73
CA CYS D 104 3.34 -1.37 -29.10
C CYS D 104 4.73 -0.79 -29.31
N VAL D 105 5.63 -1.61 -29.88
CA VAL D 105 7.02 -1.23 -30.13
C VAL D 105 7.21 -0.96 -31.63
N MET D 106 8.26 -0.20 -32.00
CA MET D 106 8.61 0.19 -33.37
C MET D 106 8.92 -0.97 -34.35
N GLN D 107 9.01 -2.22 -33.86
CA GLN D 107 9.30 -3.41 -34.67
C GLN D 107 8.16 -3.81 -35.60
N SER D 113 7.50 10.40 -34.53
CA SER D 113 6.17 11.01 -34.60
C SER D 113 5.08 9.98 -34.91
N ASP D 114 5.30 9.12 -35.94
CA ASP D 114 4.37 8.07 -36.37
C ASP D 114 4.14 7.01 -35.28
N PHE D 115 5.20 6.65 -34.55
CA PHE D 115 5.18 5.67 -33.46
C PHE D 115 4.38 6.20 -32.27
N ASN D 116 4.61 7.48 -31.91
CA ASN D 116 3.91 8.16 -30.83
C ASN D 116 2.43 8.35 -31.18
N ASP D 117 2.13 8.56 -32.47
CA ASP D 117 0.77 8.69 -33.01
C ASP D 117 0.04 7.34 -32.88
N ARG D 118 0.74 6.23 -33.20
CA ARG D 118 0.22 4.86 -33.12
C ARG D 118 -0.06 4.46 -31.67
N CYS D 119 0.86 4.81 -30.74
CA CYS D 119 0.77 4.57 -29.29
C CYS D 119 -0.52 5.12 -28.70
N VAL D 120 -0.82 6.39 -29.02
CA VAL D 120 -1.99 7.16 -28.59
C VAL D 120 -3.28 6.55 -29.19
N ARG D 121 -3.25 6.23 -30.50
CA ARG D 121 -4.36 5.64 -31.26
C ARG D 121 -4.72 4.24 -30.72
N VAL D 122 -3.71 3.40 -30.41
CA VAL D 122 -3.87 2.05 -29.85
C VAL D 122 -4.48 2.11 -28.43
N ALA D 123 -3.98 3.03 -27.58
CA ALA D 123 -4.48 3.22 -26.22
C ALA D 123 -5.91 3.80 -26.21
N GLY D 124 -6.19 4.70 -27.15
CA GLY D 124 -7.50 5.31 -27.34
C GLY D 124 -8.56 4.31 -27.77
N ARG D 125 -8.18 3.41 -28.71
CA ARG D 125 -9.04 2.34 -29.21
C ARG D 125 -9.37 1.32 -28.11
N TRP D 126 -8.36 1.02 -27.24
CA TRP D 126 -8.52 0.11 -26.10
C TRP D 126 -9.49 0.73 -25.08
N TYR D 127 -9.27 2.02 -24.73
CA TYR D 127 -10.10 2.77 -23.78
C TYR D 127 -11.57 2.83 -24.22
N ALA D 128 -11.81 3.11 -25.51
CA ALA D 128 -13.15 3.21 -26.09
C ALA D 128 -13.91 1.89 -26.02
N GLN D 129 -13.26 0.77 -26.43
CA GLN D 129 -13.85 -0.57 -26.41
C GLN D 129 -14.03 -1.10 -24.98
N HIS D 130 -13.09 -0.76 -24.09
CA HIS D 130 -13.07 -1.16 -22.68
C HIS D 130 -14.22 -0.50 -21.90
N LEU D 131 -14.37 0.83 -22.02
CA LEU D 131 -15.42 1.63 -21.36
C LEU D 131 -16.83 1.32 -21.90
N ALA D 132 -16.91 0.94 -23.21
CA ALA D 132 -18.15 0.56 -23.90
C ALA D 132 -18.76 -0.72 -23.28
N LEU D 133 -17.90 -1.67 -22.84
CA LEU D 133 -18.30 -2.92 -22.18
C LEU D 133 -18.47 -2.74 -20.65
N ALA D 134 -17.61 -1.91 -20.01
CA ALA D 134 -17.64 -1.63 -18.56
C ALA D 134 -18.85 -0.78 -18.18
N PHE D 135 -19.29 0.12 -19.07
CA PHE D 135 -20.45 0.97 -18.87
C PHE D 135 -21.31 0.92 -20.13
N PRO D 136 -22.02 -0.21 -20.37
CA PRO D 136 -22.85 -0.31 -21.59
C PRO D 136 -24.05 0.61 -21.55
N ALA D 137 -24.58 0.99 -22.74
CA ALA D 137 -25.74 1.86 -22.84
C ALA D 137 -27.01 1.24 -22.26
N VAL D 138 -27.74 2.05 -21.47
CA VAL D 138 -29.02 1.71 -20.85
C VAL D 138 -30.01 2.57 -21.62
N THR D 139 -30.88 1.91 -22.42
CA THR D 139 -31.86 2.52 -23.33
C THR D 139 -32.65 3.69 -22.69
N GLY D 140 -32.48 4.88 -23.28
CA GLY D 140 -33.12 6.13 -22.86
C GLY D 140 -32.66 6.68 -21.52
N VAL D 141 -31.64 6.05 -20.90
CA VAL D 141 -31.08 6.44 -19.60
C VAL D 141 -29.68 7.03 -19.78
N ALA D 142 -28.74 6.22 -20.34
CA ALA D 142 -27.36 6.63 -20.58
C ALA D 142 -26.71 5.93 -21.76
N GLU D 143 -25.82 6.66 -22.46
CA GLU D 143 -25.05 6.18 -23.62
C GLU D 143 -23.74 5.61 -23.09
N ILE D 144 -22.96 4.93 -23.96
CA ILE D 144 -21.63 4.40 -23.62
C ILE D 144 -20.66 5.60 -23.41
N PRO D 145 -19.59 5.50 -22.56
CA PRO D 145 -18.68 6.65 -22.40
C PRO D 145 -17.93 7.04 -23.69
N SER D 146 -17.68 8.34 -23.85
CA SER D 146 -17.00 8.92 -25.01
C SER D 146 -15.50 9.12 -24.72
N VAL D 147 -14.64 8.67 -25.64
CA VAL D 147 -13.19 8.83 -25.57
C VAL D 147 -12.77 9.82 -26.67
N VAL D 148 -12.04 10.87 -26.28
CA VAL D 148 -11.56 11.90 -27.22
C VAL D 148 -10.03 11.97 -27.18
N LEU D 149 -9.39 11.75 -28.35
CA LEU D 149 -7.95 11.91 -28.50
C LEU D 149 -7.74 13.41 -28.79
N VAL D 150 -6.93 14.08 -27.96
CA VAL D 150 -6.71 15.52 -28.11
C VAL D 150 -5.36 15.75 -28.81
N SER D 151 -5.43 16.02 -30.13
CA SER D 151 -4.26 16.21 -30.99
C SER D 151 -4.57 17.05 -32.23
N HIS D 152 -3.52 17.65 -32.82
CA HIS D 152 -3.62 18.41 -34.06
C HIS D 152 -3.56 17.45 -35.25
N ASP D 153 -3.06 16.23 -35.01
CA ASP D 153 -2.93 15.18 -36.04
C ASP D 153 -4.26 14.46 -36.21
N LYS D 154 -4.51 13.95 -37.42
CA LYS D 154 -5.72 13.19 -37.71
C LYS D 154 -5.37 11.73 -37.41
N LEU D 155 -5.30 11.41 -36.10
CA LEU D 155 -4.89 10.12 -35.54
C LEU D 155 -5.74 8.94 -35.99
N LEU D 156 -7.04 9.15 -36.25
CA LEU D 156 -7.95 8.09 -36.65
C LEU D 156 -8.12 8.02 -38.21
N GLN D 157 -7.01 8.27 -38.95
CA GLN D 157 -6.88 8.28 -40.40
C GLN D 157 -7.81 9.28 -41.09
N ILE D 169 -14.90 2.35 -34.31
CA ILE D 169 -15.33 2.58 -32.92
C ILE D 169 -16.09 3.91 -32.81
N SER D 170 -17.42 3.81 -32.57
CA SER D 170 -18.37 4.93 -32.51
C SER D 170 -18.12 5.94 -31.38
N ASN D 171 -17.66 5.47 -30.19
CA ASN D 171 -17.41 6.33 -29.02
C ASN D 171 -15.97 6.85 -28.92
N LEU D 172 -15.22 6.78 -30.03
CA LEU D 172 -13.86 7.28 -30.13
C LEU D 172 -13.76 8.38 -31.20
N SER D 173 -13.22 9.54 -30.81
CA SER D 173 -13.01 10.66 -31.71
C SER D 173 -11.64 11.29 -31.50
N CYS D 174 -11.21 12.11 -32.46
CA CYS D 174 -9.95 12.83 -32.41
C CYS D 174 -10.24 14.28 -32.78
N LEU D 175 -10.04 15.17 -31.80
CA LEU D 175 -10.28 16.60 -31.94
C LEU D 175 -9.09 17.37 -31.43
N THR D 176 -8.98 18.63 -31.86
CA THR D 176 -8.01 19.61 -31.40
C THR D 176 -8.57 20.10 -30.01
N LEU D 177 -7.71 20.63 -29.10
CA LEU D 177 -8.17 21.14 -27.80
C LEU D 177 -9.28 22.20 -27.95
N ARG D 178 -9.09 23.10 -28.94
CA ARG D 178 -10.01 24.17 -29.36
C ARG D 178 -11.38 23.58 -29.71
N GLN D 179 -11.40 22.56 -30.61
CA GLN D 179 -12.61 21.84 -31.05
C GLN D 179 -13.31 21.16 -29.89
N PHE D 180 -12.54 20.48 -29.03
CA PHE D 180 -13.04 19.81 -27.85
C PHE D 180 -13.72 20.80 -26.87
N LEU D 181 -13.03 21.91 -26.57
CA LEU D 181 -13.54 22.96 -25.67
C LEU D 181 -14.71 23.75 -26.25
N ALA D 182 -14.77 23.94 -27.60
CA ALA D 182 -15.89 24.60 -28.28
C ALA D 182 -17.15 23.76 -28.17
N GLY D 183 -16.98 22.43 -28.32
CA GLY D 183 -18.04 21.44 -28.17
C GLY D 183 -18.61 21.40 -26.75
N CYS D 184 -17.76 21.64 -25.74
CA CYS D 184 -18.13 21.72 -24.33
C CYS D 184 -19.03 22.95 -24.07
N VAL D 185 -18.67 24.11 -24.69
CA VAL D 185 -19.39 25.37 -24.61
C VAL D 185 -20.77 25.25 -25.29
N THR D 186 -20.81 24.57 -26.46
CA THR D 186 -22.02 24.30 -27.25
C THR D 186 -23.01 23.44 -26.46
N ALA D 187 -22.52 22.40 -25.77
CA ALA D 187 -23.33 21.49 -24.96
C ALA D 187 -23.96 22.24 -23.79
N GLY D 188 -23.21 23.16 -23.17
CA GLY D 188 -23.70 24.00 -22.08
C GLY D 188 -24.74 25.03 -22.52
N THR D 189 -24.55 25.62 -23.70
CA THR D 189 -25.46 26.60 -24.30
C THR D 189 -26.79 25.92 -24.67
N ASP D 190 -26.71 24.71 -25.24
CA ASP D 190 -27.85 23.88 -25.64
C ASP D 190 -28.71 23.47 -24.42
N LEU D 191 -28.05 23.18 -23.32
CA LEU D 191 -28.65 22.84 -22.04
C LEU D 191 -29.39 24.04 -21.42
N LEU D 192 -28.77 25.23 -21.47
CA LEU D 192 -29.35 26.48 -21.02
C LEU D 192 -30.58 26.87 -21.88
N GLU D 193 -30.52 26.64 -23.20
CA GLU D 193 -31.62 26.88 -24.15
C GLU D 193 -32.83 25.94 -23.85
N MET D 194 -32.55 24.69 -23.42
CA MET D 194 -33.52 23.64 -23.03
C MET D 194 -34.37 24.09 -21.82
N ILE D 195 -33.73 24.73 -20.83
CA ILE D 195 -34.40 25.17 -19.62
C ILE D 195 -35.16 26.50 -19.85
N LEU D 196 -34.69 27.33 -20.81
CA LEU D 196 -35.37 28.57 -21.20
C LEU D 196 -36.58 28.28 -22.09
N GLU D 197 -36.55 27.11 -22.78
CA GLU D 197 -37.54 26.54 -23.70
C GLU D 197 -37.72 27.39 -24.97
N ILE E 6 -10.05 -11.99 -3.10
CA ILE E 6 -9.48 -12.75 -4.21
C ILE E 6 -7.94 -12.76 -4.12
N GLY E 7 -7.33 -13.89 -4.45
CA GLY E 7 -5.89 -14.13 -4.40
C GLY E 7 -5.63 -15.37 -3.56
N CYS E 8 -5.01 -16.40 -4.17
CA CYS E 8 -4.76 -17.68 -3.49
C CYS E 8 -3.53 -17.66 -2.58
N GLY E 9 -2.65 -16.68 -2.77
CA GLY E 9 -1.44 -16.51 -1.97
C GLY E 9 -0.25 -17.37 -2.36
N THR E 10 -0.30 -18.02 -3.55
CA THR E 10 0.77 -18.87 -4.06
C THR E 10 1.70 -18.06 -4.96
N VAL E 11 3.02 -18.16 -4.71
CA VAL E 11 4.10 -17.51 -5.46
C VAL E 11 4.11 -18.08 -6.91
N GLY E 12 4.18 -17.20 -7.90
CA GLY E 12 4.23 -17.59 -9.31
C GLY E 12 2.90 -17.99 -9.93
N CYS E 13 1.77 -17.66 -9.26
CA CYS E 13 0.45 -17.98 -9.78
C CYS E 13 0.08 -16.99 -10.89
N LYS E 14 -0.13 -17.51 -12.12
CA LYS E 14 -0.48 -16.71 -13.29
C LYS E 14 -1.92 -16.17 -13.24
N LEU E 15 -2.82 -16.92 -12.58
CA LEU E 15 -4.24 -16.58 -12.42
C LEU E 15 -4.44 -15.35 -11.52
N CYS E 16 -3.63 -15.24 -10.45
CA CYS E 16 -3.70 -14.15 -9.49
C CYS E 16 -2.66 -13.07 -9.78
N SER E 27 1.01 -12.36 2.32
CA SER E 27 0.70 -12.15 0.91
C SER E 27 1.78 -12.76 0.00
N SER E 28 1.36 -13.71 -0.88
CA SER E 28 2.19 -14.48 -1.83
C SER E 28 3.40 -15.14 -1.14
N SER E 29 3.10 -16.12 -0.27
CA SER E 29 4.07 -16.88 0.54
C SER E 29 3.98 -18.40 0.33
N LEU E 30 2.90 -18.87 -0.32
CA LEU E 30 2.72 -20.30 -0.56
C LEU E 30 3.47 -20.82 -1.79
N VAL E 31 3.96 -22.05 -1.71
CA VAL E 31 4.67 -22.69 -2.81
C VAL E 31 3.86 -23.88 -3.38
N PRO E 32 3.85 -24.05 -4.73
CA PRO E 32 3.11 -25.19 -5.30
C PRO E 32 3.91 -26.50 -5.32
N THR E 33 5.18 -26.44 -4.88
CA THR E 33 6.14 -27.55 -4.86
C THR E 33 6.06 -28.42 -3.59
N ALA E 34 5.19 -28.03 -2.66
CA ALA E 34 4.92 -28.74 -1.41
C ALA E 34 3.40 -28.80 -1.22
N PRO E 35 2.84 -29.75 -0.44
CA PRO E 35 1.37 -29.74 -0.24
C PRO E 35 0.89 -28.49 0.49
N ILE E 36 -0.30 -28.02 0.11
CA ILE E 36 -0.92 -26.85 0.71
C ILE E 36 -1.81 -27.39 1.86
N MET E 37 -1.45 -27.03 3.09
CA MET E 37 -2.13 -27.41 4.32
C MET E 37 -3.26 -26.42 4.66
N ILE E 38 -4.49 -26.92 4.80
CA ILE E 38 -5.63 -26.11 5.18
C ILE E 38 -6.21 -26.67 6.49
N PRO E 39 -5.65 -26.27 7.66
CA PRO E 39 -6.17 -26.80 8.95
C PRO E 39 -7.49 -26.17 9.38
N ASP E 40 -8.30 -26.95 10.13
CA ASP E 40 -9.57 -26.48 10.69
C ASP E 40 -9.24 -25.83 12.04
N ALA E 41 -10.23 -25.21 12.71
CA ALA E 41 -10.01 -24.57 14.01
C ALA E 41 -9.56 -25.53 15.11
N VAL E 42 -10.16 -26.75 15.18
CA VAL E 42 -9.87 -27.82 16.15
C VAL E 42 -8.37 -28.22 16.11
N THR E 43 -7.80 -28.33 14.89
CA THR E 43 -6.40 -28.67 14.62
C THR E 43 -5.45 -27.62 15.20
N ILE E 44 -5.75 -26.32 14.95
CA ILE E 44 -4.96 -25.18 15.46
C ILE E 44 -5.04 -25.11 17.00
N LEU E 45 -6.26 -25.19 17.55
CA LEU E 45 -6.54 -25.15 18.98
C LEU E 45 -5.90 -26.30 19.77
N HIS E 46 -5.79 -27.51 19.16
CA HIS E 46 -5.18 -28.67 19.80
C HIS E 46 -3.68 -28.85 19.53
N ASN E 47 -3.16 -28.26 18.43
CA ASN E 47 -1.76 -28.39 18.04
C ASN E 47 -1.05 -27.07 17.70
N MET E 48 -1.26 -26.02 18.53
CA MET E 48 -0.64 -24.71 18.29
C MET E 48 0.89 -24.75 18.37
N ASN E 49 1.46 -25.59 19.26
CA ASN E 49 2.92 -25.78 19.40
C ASN E 49 3.55 -26.32 18.12
N ALA E 50 2.83 -27.24 17.43
CA ALA E 50 3.20 -27.84 16.16
C ALA E 50 3.11 -26.80 15.04
N MET E 51 2.02 -25.99 15.02
CA MET E 51 1.78 -24.92 14.05
C MET E 51 2.93 -23.90 14.05
N GLU E 52 3.46 -23.57 15.25
CA GLU E 52 4.55 -22.62 15.50
C GLU E 52 5.92 -23.16 15.11
N ASP E 53 6.06 -24.50 15.01
CA ASP E 53 7.29 -25.17 14.67
C ASP E 53 7.68 -24.93 13.21
N ALA E 54 8.99 -24.61 12.97
CA ALA E 54 9.60 -24.32 11.67
C ALA E 54 9.44 -25.44 10.63
N ARG E 55 9.27 -26.70 11.10
CA ARG E 55 9.09 -27.89 10.27
C ARG E 55 7.71 -27.94 9.60
N ILE E 56 6.72 -27.19 10.14
CA ILE E 56 5.37 -27.10 9.56
C ILE E 56 5.26 -25.79 8.75
N GLN E 57 5.17 -25.94 7.41
CA GLN E 57 5.10 -24.84 6.44
C GLN E 57 3.97 -25.04 5.43
N ASN E 58 3.69 -24.00 4.60
CA ASN E 58 2.72 -23.98 3.51
C ASN E 58 1.27 -24.10 4.02
N ILE E 59 0.88 -23.17 4.90
CA ILE E 59 -0.42 -23.13 5.58
C ILE E 59 -1.38 -22.06 5.05
N VAL E 60 -2.60 -22.50 4.68
CA VAL E 60 -3.68 -21.60 4.32
C VAL E 60 -4.48 -21.41 5.60
N LEU E 61 -4.51 -20.16 6.09
CA LEU E 61 -5.30 -19.78 7.26
C LEU E 61 -6.61 -19.13 6.77
N LEU E 62 -7.71 -19.89 6.79
CA LEU E 62 -9.03 -19.38 6.38
C LEU E 62 -9.57 -18.41 7.42
N SER E 63 -10.12 -17.26 6.97
CA SER E 63 -10.68 -16.22 7.84
C SER E 63 -11.80 -16.75 8.76
N THR E 64 -12.60 -17.72 8.28
CA THR E 64 -13.67 -18.39 9.05
C THR E 64 -13.07 -19.23 10.19
N VAL E 65 -11.94 -19.92 9.91
CA VAL E 65 -11.17 -20.75 10.85
C VAL E 65 -10.54 -19.82 11.92
N MET E 66 -10.00 -18.66 11.47
CA MET E 66 -9.41 -17.60 12.31
C MET E 66 -10.44 -17.08 13.31
N SER E 67 -11.67 -16.82 12.84
CA SER E 67 -12.81 -16.32 13.62
C SER E 67 -13.23 -17.33 14.67
N GLU E 68 -13.23 -18.63 14.30
CA GLU E 68 -13.56 -19.74 15.17
C GLU E 68 -12.52 -19.94 16.27
N VAL E 69 -11.21 -19.79 15.96
CA VAL E 69 -10.11 -19.89 16.94
C VAL E 69 -10.20 -18.69 17.91
N GLN E 70 -10.46 -17.46 17.39
CA GLN E 70 -10.61 -16.23 18.18
C GLN E 70 -11.78 -16.35 19.20
N GLU E 71 -12.91 -16.96 18.76
CA GLU E 71 -14.08 -17.19 19.59
C GLU E 71 -13.83 -18.21 20.69
N ARG E 72 -13.01 -19.26 20.41
CA ARG E 72 -12.74 -20.36 21.35
C ARG E 72 -11.56 -20.11 22.30
N ASN E 73 -10.48 -19.49 21.81
CA ASN E 73 -9.27 -19.22 22.60
C ASN E 73 -8.57 -17.98 22.09
N LYS E 74 -8.52 -16.93 22.94
CA LYS E 74 -7.87 -15.65 22.62
C LYS E 74 -6.34 -15.76 22.66
N ALA E 75 -5.80 -16.58 23.59
CA ALA E 75 -4.35 -16.79 23.74
C ALA E 75 -3.73 -17.55 22.54
N ILE E 76 -4.43 -18.56 21.99
CA ILE E 76 -3.99 -19.32 20.82
C ILE E 76 -4.14 -18.44 19.55
N TYR E 77 -5.17 -17.59 19.50
CA TYR E 77 -5.44 -16.68 18.39
C TYR E 77 -4.35 -15.59 18.27
N ALA E 78 -3.79 -15.13 19.42
CA ALA E 78 -2.70 -14.16 19.49
C ALA E 78 -1.43 -14.79 18.91
N ARG E 79 -1.15 -16.05 19.30
CA ARG E 79 -0.04 -16.90 18.83
C ARG E 79 -0.13 -17.15 17.31
N LEU E 80 -1.34 -17.24 16.78
CA LEU E 80 -1.66 -17.40 15.37
C LEU E 80 -1.41 -16.07 14.61
N GLN E 81 -1.69 -14.92 15.25
CA GLN E 81 -1.45 -13.58 14.70
C GLN E 81 0.04 -13.30 14.64
N ARG E 82 0.80 -13.80 15.64
CA ARG E 82 2.25 -13.70 15.73
C ARG E 82 2.94 -14.38 14.55
N LEU E 83 2.40 -15.53 14.08
CA LEU E 83 2.90 -16.30 12.93
C LEU E 83 2.74 -15.51 11.64
N VAL E 84 1.63 -14.80 11.51
CA VAL E 84 1.28 -13.95 10.38
C VAL E 84 2.17 -12.66 10.40
N GLY E 85 2.20 -11.98 11.56
CA GLY E 85 2.97 -10.76 11.76
C GLY E 85 4.47 -10.95 11.76
N GLY E 86 4.92 -12.17 12.07
CA GLY E 86 6.33 -12.56 12.12
C GLY E 86 7.03 -12.57 10.78
N GLU E 87 6.25 -12.84 9.68
CA GLU E 87 6.69 -12.89 8.28
C GLU E 87 7.85 -13.89 8.06
N ARG E 88 7.84 -15.00 8.81
CA ARG E 88 8.83 -16.06 8.79
C ARG E 88 8.15 -17.43 8.66
N LYS E 89 6.96 -17.47 8.15
CA LYS E 89 6.24 -18.72 7.98
C LYS E 89 5.53 -18.68 6.63
N GLN E 90 5.56 -19.79 5.88
CA GLN E 90 4.86 -19.92 4.60
C GLN E 90 3.39 -20.10 4.96
N CYS E 91 2.72 -18.98 5.20
CA CYS E 91 1.32 -18.98 5.57
C CYS E 91 0.61 -17.84 4.93
N TYR E 92 -0.66 -18.04 4.61
CA TYR E 92 -1.45 -17.01 3.94
C TYR E 92 -2.85 -16.98 4.50
N VAL E 93 -3.35 -15.77 4.80
CA VAL E 93 -4.72 -15.59 5.27
C VAL E 93 -5.63 -15.43 4.05
N PHE E 94 -6.46 -16.45 3.78
CA PHE E 94 -7.42 -16.45 2.68
C PHE E 94 -8.79 -16.04 3.18
N SER E 95 -9.30 -14.90 2.67
CA SER E 95 -10.61 -14.37 3.03
C SER E 95 -11.70 -15.14 2.29
N ASN E 96 -11.98 -16.38 2.77
CA ASN E 96 -12.97 -17.29 2.22
C ASN E 96 -14.42 -16.77 2.43
N ASP E 97 -14.62 -15.85 3.40
CA ASP E 97 -15.92 -15.22 3.67
C ASP E 97 -16.18 -14.03 2.74
N ARG E 98 -15.12 -13.46 2.11
CA ARG E 98 -15.22 -12.33 1.18
C ARG E 98 -15.17 -12.79 -0.28
N HIS E 99 -14.45 -13.89 -0.57
CA HIS E 99 -14.30 -14.47 -1.91
C HIS E 99 -15.64 -15.07 -2.37
N GLU E 100 -16.11 -14.69 -3.58
CA GLU E 100 -17.39 -15.10 -4.15
C GLU E 100 -17.57 -16.61 -4.36
N GLN E 101 -16.48 -17.31 -4.70
CA GLN E 101 -16.49 -18.76 -4.97
C GLN E 101 -16.37 -19.64 -3.71
N THR E 102 -16.14 -19.02 -2.52
CA THR E 102 -15.97 -19.75 -1.26
C THR E 102 -16.88 -19.26 -0.12
N HIS E 103 -17.60 -18.14 -0.32
CA HIS E 103 -18.47 -17.59 0.72
C HIS E 103 -19.75 -18.41 0.96
N CYS E 104 -19.88 -18.95 2.19
CA CYS E 104 -21.00 -19.76 2.65
C CYS E 104 -21.84 -18.98 3.64
N VAL E 105 -23.17 -19.10 3.52
CA VAL E 105 -24.14 -18.51 4.44
C VAL E 105 -24.80 -19.69 5.18
N MET E 106 -24.92 -19.59 6.54
CA MET E 106 -25.50 -20.58 7.47
C MET E 106 -26.59 -21.49 6.87
N THR E 111 -25.95 -27.22 11.69
CA THR E 111 -25.45 -26.85 13.02
C THR E 111 -24.20 -25.97 12.85
N ARG E 112 -23.72 -25.35 13.95
CA ARG E 112 -22.51 -24.49 13.95
C ARG E 112 -21.27 -25.26 13.50
N SER E 113 -21.20 -26.56 13.85
CA SER E 113 -20.13 -27.49 13.49
C SER E 113 -20.17 -27.83 12.00
N ASP E 114 -21.37 -28.17 11.46
CA ASP E 114 -21.61 -28.53 10.04
C ASP E 114 -21.27 -27.39 9.09
N PHE E 115 -21.61 -26.14 9.49
CA PHE E 115 -21.36 -24.92 8.71
C PHE E 115 -19.87 -24.65 8.59
N ASN E 116 -19.11 -24.87 9.71
CA ASN E 116 -17.64 -24.74 9.79
C ASN E 116 -16.98 -25.73 8.83
N ASP E 117 -17.51 -26.97 8.80
CA ASP E 117 -17.07 -28.08 7.94
C ASP E 117 -17.24 -27.80 6.45
N ARG E 118 -18.41 -27.23 6.05
CA ARG E 118 -18.72 -26.87 4.65
C ARG E 118 -17.82 -25.70 4.18
N CYS E 119 -17.50 -24.74 5.08
CA CYS E 119 -16.59 -23.61 4.81
C CYS E 119 -15.20 -24.08 4.41
N VAL E 120 -14.61 -25.02 5.19
CA VAL E 120 -13.28 -25.60 4.89
C VAL E 120 -13.34 -26.45 3.59
N ARG E 121 -14.43 -27.23 3.43
CA ARG E 121 -14.69 -28.09 2.26
C ARG E 121 -14.80 -27.28 0.94
N VAL E 122 -15.53 -26.15 0.96
CA VAL E 122 -15.74 -25.28 -0.22
C VAL E 122 -14.41 -24.58 -0.60
N ALA E 123 -13.69 -24.03 0.39
CA ALA E 123 -12.38 -23.38 0.18
C ALA E 123 -11.31 -24.37 -0.33
N GLY E 124 -11.31 -25.60 0.21
CA GLY E 124 -10.41 -26.67 -0.18
C GLY E 124 -10.63 -27.11 -1.62
N ARG E 125 -11.91 -27.26 -2.02
CA ARG E 125 -12.31 -27.64 -3.39
C ARG E 125 -11.93 -26.54 -4.39
N TRP E 126 -12.14 -25.25 -4.00
CA TRP E 126 -11.77 -24.10 -4.81
C TRP E 126 -10.26 -24.10 -5.04
N TYR E 127 -9.44 -24.16 -3.95
CA TYR E 127 -7.96 -24.20 -3.98
C TYR E 127 -7.39 -25.31 -4.88
N ALA E 128 -7.91 -26.54 -4.74
CA ALA E 128 -7.47 -27.71 -5.51
C ALA E 128 -7.74 -27.59 -7.02
N GLN E 129 -8.90 -27.02 -7.41
CA GLN E 129 -9.28 -26.77 -8.81
C GLN E 129 -8.53 -25.57 -9.38
N HIS E 130 -8.41 -24.49 -8.57
CA HIS E 130 -7.72 -23.24 -8.91
C HIS E 130 -6.22 -23.48 -9.17
N LEU E 131 -5.56 -24.26 -8.28
CA LEU E 131 -4.12 -24.57 -8.39
C LEU E 131 -3.81 -25.53 -9.54
N ALA E 132 -4.71 -26.50 -9.83
CA ALA E 132 -4.53 -27.44 -10.94
C ALA E 132 -4.59 -26.73 -12.30
N LEU E 133 -5.26 -25.55 -12.37
CA LEU E 133 -5.35 -24.70 -13.57
C LEU E 133 -4.17 -23.71 -13.65
N ALA E 134 -3.77 -23.12 -12.49
CA ALA E 134 -2.64 -22.17 -12.35
C ALA E 134 -1.30 -22.88 -12.58
N PHE E 135 -1.19 -24.11 -12.09
CA PHE E 135 0.00 -24.94 -12.18
C PHE E 135 -0.42 -26.33 -12.73
N PRO E 136 -0.67 -26.44 -14.07
CA PRO E 136 -1.10 -27.74 -14.62
C PRO E 136 0.03 -28.77 -14.74
N ALA E 137 -0.32 -30.07 -14.87
CA ALA E 137 0.75 -31.06 -15.01
C ALA E 137 1.43 -30.99 -16.38
N VAL E 138 2.76 -30.94 -16.32
CA VAL E 138 3.65 -30.89 -17.49
C VAL E 138 4.30 -32.27 -17.50
N THR E 139 3.97 -33.06 -18.54
CA THR E 139 4.41 -34.45 -18.75
C THR E 139 5.91 -34.67 -18.47
N GLY E 140 6.19 -35.53 -17.48
CA GLY E 140 7.53 -35.88 -17.04
C GLY E 140 8.33 -34.77 -16.39
N VAL E 141 7.69 -33.61 -16.13
CA VAL E 141 8.32 -32.43 -15.53
C VAL E 141 7.75 -32.19 -14.13
N ALA E 142 6.41 -31.95 -14.05
CA ALA E 142 5.73 -31.69 -12.78
C ALA E 142 4.26 -32.09 -12.76
N GLU E 143 3.75 -32.49 -11.58
CA GLU E 143 2.35 -32.83 -11.33
C GLU E 143 1.63 -31.57 -10.86
N ILE E 144 0.28 -31.61 -10.76
CA ILE E 144 -0.52 -30.48 -10.24
C ILE E 144 -0.28 -30.37 -8.70
N PRO E 145 -0.40 -29.17 -8.07
CA PRO E 145 -0.20 -29.09 -6.61
C PRO E 145 -1.26 -29.86 -5.79
N SER E 146 -0.86 -30.36 -4.62
CA SER E 146 -1.71 -31.12 -3.71
C SER E 146 -2.25 -30.21 -2.58
N VAL E 147 -3.55 -30.30 -2.33
CA VAL E 147 -4.25 -29.52 -1.30
C VAL E 147 -4.73 -30.51 -0.25
N VAL E 148 -4.35 -30.30 1.01
CA VAL E 148 -4.68 -31.20 2.11
C VAL E 148 -5.44 -30.44 3.21
N LEU E 149 -6.67 -30.91 3.52
CA LEU E 149 -7.48 -30.34 4.59
C LEU E 149 -7.07 -31.10 5.85
N VAL E 150 -6.71 -30.36 6.91
CA VAL E 150 -6.23 -30.99 8.15
C VAL E 150 -7.33 -30.93 9.21
N SER E 151 -7.96 -32.09 9.41
CA SER E 151 -9.12 -32.27 10.27
C SER E 151 -9.27 -33.71 10.79
N HIS E 152 -9.92 -33.84 11.97
CA HIS E 152 -10.25 -35.13 12.57
C HIS E 152 -11.55 -35.66 12.00
N ASP E 153 -12.36 -34.77 11.41
CA ASP E 153 -13.64 -35.08 10.76
C ASP E 153 -13.40 -35.42 9.29
N LYS E 154 -14.06 -36.49 8.77
CA LYS E 154 -13.95 -36.89 7.37
C LYS E 154 -14.79 -35.92 6.52
N LEU E 155 -14.23 -34.72 6.30
CA LEU E 155 -14.84 -33.57 5.61
C LEU E 155 -15.25 -33.86 4.17
N LEU E 156 -14.49 -34.70 3.45
CA LEU E 156 -14.79 -35.02 2.06
C LEU E 156 -15.64 -36.29 1.94
N ASN E 168 -15.31 -34.89 -7.99
CA ASN E 168 -14.23 -35.79 -7.61
C ASN E 168 -12.85 -35.22 -8.00
N ILE E 169 -12.27 -34.43 -7.07
CA ILE E 169 -11.00 -33.73 -7.23
C ILE E 169 -9.83 -34.59 -6.72
N SER E 170 -8.98 -35.02 -7.65
CA SER E 170 -7.83 -35.91 -7.43
C SER E 170 -6.71 -35.34 -6.54
N ASN E 171 -6.44 -34.03 -6.62
CA ASN E 171 -5.38 -33.36 -5.84
C ASN E 171 -5.88 -32.78 -4.51
N LEU E 172 -7.07 -33.21 -4.05
CA LEU E 172 -7.64 -32.79 -2.77
C LEU E 172 -7.84 -34.01 -1.84
N SER E 173 -7.31 -33.90 -0.62
CA SER E 173 -7.43 -34.93 0.41
C SER E 173 -7.74 -34.31 1.77
N CYS E 174 -8.17 -35.14 2.72
CA CYS E 174 -8.46 -34.76 4.11
C CYS E 174 -7.78 -35.76 5.03
N LEU E 175 -6.86 -35.26 5.87
CA LEU E 175 -6.08 -36.09 6.80
C LEU E 175 -6.05 -35.41 8.15
N THR E 176 -5.73 -36.18 9.22
CA THR E 176 -5.51 -35.59 10.54
C THR E 176 -4.04 -35.08 10.49
N LEU E 177 -3.63 -34.22 11.44
CA LEU E 177 -2.27 -33.69 11.49
C LEU E 177 -1.22 -34.81 11.58
N ARG E 178 -1.51 -35.83 12.40
CA ARG E 178 -0.72 -37.04 12.63
C ARG E 178 -0.51 -37.80 11.32
N GLN E 179 -1.61 -38.05 10.56
CA GLN E 179 -1.57 -38.75 9.28
C GLN E 179 -0.75 -37.96 8.24
N PHE E 180 -0.99 -36.64 8.19
CA PHE E 180 -0.28 -35.73 7.29
C PHE E 180 1.24 -35.74 7.58
N LEU E 181 1.63 -35.61 8.87
CA LEU E 181 3.02 -35.59 9.30
C LEU E 181 3.71 -36.94 9.18
N ALA E 182 2.97 -38.07 9.36
CA ALA E 182 3.50 -39.42 9.21
C ALA E 182 3.86 -39.65 7.75
N GLY E 183 2.99 -39.16 6.84
CA GLY E 183 3.17 -39.22 5.38
C GLY E 183 4.38 -38.44 4.92
N CYS E 184 4.69 -37.33 5.61
CA CYS E 184 5.86 -36.49 5.34
C CYS E 184 7.17 -37.23 5.68
N VAL E 185 7.15 -37.95 6.82
CA VAL E 185 8.26 -38.78 7.30
C VAL E 185 8.51 -39.98 6.35
N THR E 186 7.41 -40.61 5.88
CA THR E 186 7.39 -41.75 4.92
C THR E 186 8.01 -41.34 3.58
N ALA E 187 7.67 -40.15 3.08
CA ALA E 187 8.20 -39.61 1.82
C ALA E 187 9.72 -39.37 1.91
N GLY E 188 10.17 -38.89 3.07
CA GLY E 188 11.60 -38.69 3.35
C GLY E 188 12.39 -40.00 3.47
N THR E 189 11.78 -41.01 4.11
CA THR E 189 12.37 -42.34 4.29
C THR E 189 12.52 -43.04 2.91
N ASP E 190 11.47 -42.94 2.07
CA ASP E 190 11.43 -43.50 0.73
C ASP E 190 12.53 -42.87 -0.16
N LEU E 191 12.71 -41.56 -0.01
CA LEU E 191 13.71 -40.76 -0.71
C LEU E 191 15.12 -41.23 -0.34
N LEU E 192 15.37 -41.43 0.98
CA LEU E 192 16.63 -41.89 1.54
C LEU E 192 16.97 -43.33 1.11
N GLU E 193 15.95 -44.23 1.04
CA GLU E 193 16.13 -45.61 0.57
C GLU E 193 16.54 -45.67 -0.90
N MET E 194 15.98 -44.76 -1.72
CA MET E 194 16.22 -44.59 -3.16
C MET E 194 17.69 -44.21 -3.44
N ILE E 195 18.26 -43.31 -2.63
CA ILE E 195 19.64 -42.87 -2.81
C ILE E 195 20.64 -43.89 -2.25
N LEU E 196 20.25 -44.68 -1.23
CA LEU E 196 21.09 -45.73 -0.67
C LEU E 196 21.14 -46.98 -1.57
N GLU E 197 20.06 -47.26 -2.33
CA GLU E 197 19.97 -48.42 -3.24
C GLU E 197 20.85 -48.30 -4.49
N HIS E 198 21.31 -47.06 -4.81
CA HIS E 198 22.18 -46.71 -5.93
C HIS E 198 23.26 -45.74 -5.49
N SER F 4 10.66 -1.94 -13.96
CA SER F 4 12.06 -1.60 -14.12
C SER F 4 12.41 -0.15 -13.70
N ASP F 5 11.40 0.75 -13.58
CA ASP F 5 11.61 2.16 -13.19
C ASP F 5 11.89 2.32 -11.68
N ILE F 6 12.80 3.27 -11.33
CA ILE F 6 13.30 3.55 -9.98
C ILE F 6 12.41 4.58 -9.24
N GLY F 7 11.75 4.11 -8.18
CA GLY F 7 10.91 4.96 -7.33
C GLY F 7 11.71 5.62 -6.21
N CYS F 8 11.10 6.59 -5.54
CA CYS F 8 11.65 7.34 -4.41
C CYS F 8 11.49 6.57 -3.07
N GLY F 9 10.63 5.56 -3.04
CA GLY F 9 10.38 4.77 -1.83
C GLY F 9 9.58 5.44 -0.73
N THR F 10 8.86 6.54 -1.06
CA THR F 10 8.05 7.30 -0.12
C THR F 10 6.58 6.80 -0.19
N VAL F 11 6.00 6.49 0.99
CA VAL F 11 4.64 5.99 1.17
C VAL F 11 3.63 7.05 0.67
N GLY F 12 2.67 6.59 -0.14
CA GLY F 12 1.60 7.42 -0.68
C GLY F 12 1.98 8.30 -1.86
N CYS F 13 3.14 8.04 -2.48
CA CYS F 13 3.58 8.82 -3.65
C CYS F 13 2.83 8.35 -4.90
N LYS F 14 2.03 9.26 -5.48
CA LYS F 14 1.24 9.00 -6.68
C LYS F 14 2.10 8.97 -7.95
N LEU F 15 3.23 9.71 -7.94
CA LEU F 15 4.19 9.76 -9.06
C LEU F 15 4.90 8.42 -9.31
N CYS F 16 5.21 7.71 -8.22
CA CYS F 16 5.91 6.43 -8.27
C CYS F 16 4.96 5.23 -8.19
N ALA F 17 3.67 5.48 -7.89
CA ALA F 17 2.62 4.46 -7.80
C ALA F 17 2.43 3.71 -9.12
N SER F 18 2.52 4.43 -10.25
CA SER F 18 2.36 3.86 -11.61
C SER F 18 3.70 3.43 -12.22
N THR F 19 4.71 4.32 -12.20
CA THR F 19 6.05 4.13 -12.79
C THR F 19 6.83 2.96 -12.15
N ALA F 20 6.89 2.89 -10.80
CA ALA F 20 7.59 1.86 -10.03
C ALA F 20 6.65 0.78 -9.46
N SER F 28 7.98 0.82 -0.30
CA SER F 28 7.92 2.18 0.22
C SER F 28 7.92 2.22 1.75
N SER F 29 8.93 2.87 2.34
CA SER F 29 9.14 2.97 3.79
C SER F 29 9.32 4.42 4.28
N LEU F 30 9.57 5.36 3.35
CA LEU F 30 9.79 6.77 3.70
C LEU F 30 8.50 7.54 3.88
N VAL F 31 8.52 8.49 4.81
CA VAL F 31 7.37 9.34 5.09
C VAL F 31 7.67 10.80 4.70
N PRO F 32 6.69 11.51 4.11
CA PRO F 32 6.93 12.93 3.76
C PRO F 32 6.73 13.90 4.94
N THR F 33 6.27 13.37 6.08
CA THR F 33 5.91 14.13 7.28
C THR F 33 7.10 14.38 8.23
N ALA F 34 8.26 13.85 7.87
CA ALA F 34 9.52 13.99 8.59
C ALA F 34 10.61 14.31 7.55
N PRO F 35 11.74 14.97 7.94
CA PRO F 35 12.79 15.23 6.94
C PRO F 35 13.36 13.94 6.36
N ILE F 36 13.67 13.98 5.07
CA ILE F 36 14.26 12.87 4.35
C ILE F 36 15.80 13.05 4.45
N MET F 37 16.44 12.14 5.19
CA MET F 37 17.88 12.16 5.44
C MET F 37 18.63 11.43 4.35
N ILE F 38 19.60 12.13 3.73
CA ILE F 38 20.45 11.49 2.73
C ILE F 38 21.90 11.61 3.19
N PRO F 39 22.38 10.61 4.00
CA PRO F 39 23.80 10.66 4.41
C PRO F 39 24.77 10.23 3.33
N ASP F 40 25.96 10.81 3.36
CA ASP F 40 27.10 10.44 2.51
C ASP F 40 27.83 9.29 3.24
N ALA F 41 28.75 8.59 2.54
CA ALA F 41 29.52 7.46 3.08
C ALA F 41 30.30 7.75 4.38
N VAL F 42 30.94 8.95 4.50
CA VAL F 42 31.70 9.36 5.70
C VAL F 42 30.81 9.40 6.97
N THR F 43 29.54 9.87 6.84
CA THR F 43 28.56 9.93 7.94
C THR F 43 28.23 8.52 8.47
N ILE F 44 27.93 7.58 7.55
CA ILE F 44 27.60 6.18 7.88
C ILE F 44 28.79 5.50 8.57
N LEU F 45 29.99 5.62 7.97
CA LEU F 45 31.23 5.04 8.49
C LEU F 45 31.63 5.56 9.85
N HIS F 46 31.34 6.84 10.14
CA HIS F 46 31.68 7.44 11.43
C HIS F 46 30.57 7.33 12.50
N ASN F 47 29.30 7.16 12.07
CA ASN F 47 28.16 7.12 12.99
C ASN F 47 27.19 5.95 12.75
N MET F 48 27.71 4.75 12.52
CA MET F 48 26.89 3.55 12.31
C MET F 48 26.01 3.19 13.54
N ASN F 49 26.53 3.43 14.75
CA ASN F 49 25.79 3.19 16.01
C ASN F 49 24.52 4.05 16.10
N ALA F 50 24.62 5.31 15.62
CA ALA F 50 23.55 6.29 15.54
C ALA F 50 22.53 5.85 14.46
N MET F 51 23.03 5.41 13.27
CA MET F 51 22.19 4.92 12.16
C MET F 51 21.28 3.77 12.61
N GLU F 52 21.82 2.84 13.45
CA GLU F 52 21.15 1.66 13.99
C GLU F 52 20.14 1.97 15.09
N ASP F 53 20.24 3.16 15.70
CA ASP F 53 19.36 3.62 16.75
C ASP F 53 17.95 3.95 16.19
N ALA F 54 16.89 3.50 16.91
CA ALA F 54 15.48 3.70 16.59
C ALA F 54 15.03 5.16 16.51
N ARG F 55 15.77 6.07 17.16
CA ARG F 55 15.53 7.52 17.13
C ARG F 55 15.91 8.16 15.78
N ILE F 56 16.73 7.46 14.96
CA ILE F 56 17.12 7.92 13.62
C ILE F 56 16.28 7.16 12.58
N GLN F 57 15.42 7.89 11.89
CA GLN F 57 14.47 7.35 10.91
C GLN F 57 14.49 8.17 9.63
N ASN F 58 13.88 7.64 8.55
CA ASN F 58 13.64 8.30 7.27
C ASN F 58 14.92 8.58 6.49
N ILE F 59 15.65 7.48 6.21
CA ILE F 59 16.96 7.48 5.57
C ILE F 59 16.93 6.97 4.12
N VAL F 60 17.47 7.80 3.20
CA VAL F 60 17.68 7.40 1.83
C VAL F 60 19.10 6.90 1.78
N LEU F 61 19.23 5.62 1.43
CA LEU F 61 20.51 4.94 1.23
C LEU F 61 20.79 4.91 -0.25
N LEU F 62 21.66 5.82 -0.71
CA LEU F 62 22.06 5.88 -2.12
C LEU F 62 22.95 4.70 -2.45
N SER F 63 22.70 4.05 -3.60
CA SER F 63 23.49 2.91 -4.06
C SER F 63 24.98 3.27 -4.21
N THR F 64 25.30 4.52 -4.65
CA THR F 64 26.68 5.01 -4.78
C THR F 64 27.31 5.20 -3.39
N VAL F 65 26.49 5.53 -2.40
CA VAL F 65 26.93 5.68 -1.02
C VAL F 65 27.21 4.29 -0.41
N MET F 66 26.31 3.31 -0.68
CA MET F 66 26.37 1.88 -0.31
C MET F 66 27.64 1.23 -0.83
N SER F 67 27.99 1.50 -2.12
CA SER F 67 29.18 0.98 -2.81
C SER F 67 30.43 1.52 -2.13
N GLU F 68 30.40 2.80 -1.76
CA GLU F 68 31.53 3.46 -1.09
C GLU F 68 31.71 2.91 0.34
N VAL F 69 30.60 2.58 1.07
CA VAL F 69 30.64 1.98 2.40
C VAL F 69 31.17 0.52 2.33
N GLN F 70 30.78 -0.22 1.29
CA GLN F 70 31.22 -1.58 1.04
C GLN F 70 32.74 -1.65 0.73
N GLU F 71 33.26 -0.71 -0.10
CA GLU F 71 34.67 -0.65 -0.47
C GLU F 71 35.58 -0.21 0.68
N ARG F 72 35.02 0.46 1.72
CA ARG F 72 35.81 0.99 2.83
C ARG F 72 35.70 0.18 4.14
N ASN F 73 34.53 -0.40 4.43
CA ASN F 73 34.31 -1.19 5.65
C ASN F 73 33.19 -2.19 5.42
N LYS F 74 33.59 -3.46 5.25
CA LYS F 74 32.70 -4.62 5.02
C LYS F 74 31.82 -4.90 6.25
N ALA F 75 32.34 -4.69 7.46
CA ALA F 75 31.59 -4.89 8.71
C ALA F 75 30.45 -3.88 8.90
N ILE F 76 30.70 -2.57 8.57
CA ILE F 76 29.68 -1.51 8.65
C ILE F 76 28.62 -1.70 7.53
N TYR F 77 29.06 -2.21 6.35
CA TYR F 77 28.18 -2.46 5.21
C TYR F 77 27.19 -3.60 5.51
N ALA F 78 27.60 -4.60 6.31
CA ALA F 78 26.77 -5.73 6.72
C ALA F 78 25.69 -5.23 7.68
N ARG F 79 26.10 -4.34 8.63
CA ARG F 79 25.26 -3.66 9.62
C ARG F 79 24.18 -2.79 8.93
N LEU F 80 24.53 -2.19 7.78
CA LEU F 80 23.68 -1.39 6.92
C LEU F 80 22.68 -2.31 6.18
N GLN F 81 23.10 -3.52 5.77
CA GLN F 81 22.25 -4.52 5.11
C GLN F 81 21.22 -5.11 6.11
N ARG F 82 21.62 -5.25 7.38
CA ARG F 82 20.78 -5.72 8.48
C ARG F 82 19.59 -4.77 8.72
N LEU F 83 19.81 -3.43 8.60
CA LEU F 83 18.79 -2.37 8.72
C LEU F 83 17.74 -2.49 7.61
N VAL F 84 18.19 -2.82 6.40
CA VAL F 84 17.36 -3.02 5.21
C VAL F 84 16.56 -4.36 5.35
N GLY F 85 17.26 -5.45 5.64
CA GLY F 85 16.67 -6.78 5.83
C GLY F 85 15.77 -6.93 7.05
N GLY F 86 16.00 -6.08 8.05
CA GLY F 86 15.25 -6.05 9.30
C GLY F 86 13.80 -5.65 9.18
N GLU F 87 13.51 -4.77 8.19
CA GLU F 87 12.18 -4.21 7.86
C GLU F 87 11.50 -3.51 9.06
N ARG F 88 12.32 -2.83 9.89
CA ARG F 88 11.89 -2.08 11.06
C ARG F 88 12.50 -0.69 11.04
N LYS F 89 12.93 -0.25 9.88
CA LYS F 89 13.60 1.02 9.75
C LYS F 89 13.04 1.72 8.57
N GLN F 90 12.74 3.03 8.73
CA GLN F 90 12.25 3.83 7.61
C GLN F 90 13.52 4.18 6.82
N CYS F 91 13.89 3.27 5.94
CA CYS F 91 15.07 3.44 5.09
C CYS F 91 14.80 2.85 3.73
N TYR F 92 15.38 3.44 2.72
CA TYR F 92 15.14 2.98 1.36
C TYR F 92 16.40 3.06 0.56
N VAL F 93 16.70 2.00 -0.19
CA VAL F 93 17.85 1.96 -1.07
C VAL F 93 17.43 2.54 -2.44
N PHE F 94 17.90 3.77 -2.74
CA PHE F 94 17.63 4.45 -4.00
C PHE F 94 18.78 4.22 -4.97
N SER F 95 18.48 3.62 -6.13
CA SER F 95 19.46 3.34 -7.19
C SER F 95 19.70 4.59 -8.01
N ASN F 96 20.48 5.54 -7.44
CA ASN F 96 20.84 6.81 -8.06
C ASN F 96 21.79 6.65 -9.26
N ASP F 97 22.48 5.50 -9.35
CA ASP F 97 23.37 5.16 -10.46
C ASP F 97 22.59 4.56 -11.66
N ARG F 98 21.37 4.05 -11.42
CA ARG F 98 20.51 3.44 -12.44
C ARG F 98 19.42 4.41 -12.92
N HIS F 99 19.01 5.34 -12.05
CA HIS F 99 17.98 6.35 -12.34
C HIS F 99 18.54 7.38 -13.34
N GLU F 100 17.79 7.59 -14.44
CA GLU F 100 18.16 8.47 -15.58
C GLU F 100 18.41 9.93 -15.20
N GLN F 101 17.63 10.45 -14.24
CA GLN F 101 17.72 11.85 -13.80
C GLN F 101 18.78 12.10 -12.73
N THR F 102 19.37 11.03 -12.16
CA THR F 102 20.36 11.17 -11.09
C THR F 102 21.74 10.56 -11.40
N HIS F 103 21.83 9.74 -12.47
CA HIS F 103 23.07 9.06 -12.85
C HIS F 103 24.18 10.05 -13.31
N CYS F 104 25.30 10.05 -12.57
CA CYS F 104 26.49 10.88 -12.83
C CYS F 104 27.65 10.03 -13.35
N VAL F 105 28.37 10.57 -14.33
CA VAL F 105 29.57 9.95 -14.90
C VAL F 105 30.76 10.81 -14.44
N MET F 106 31.82 10.16 -13.90
CA MET F 106 33.00 10.86 -13.43
C MET F 106 33.78 11.56 -14.55
N GLN F 107 34.08 12.85 -14.31
CA GLN F 107 34.81 13.71 -15.23
C GLN F 107 36.31 13.70 -14.86
N SER F 108 37.17 13.99 -15.87
CA SER F 108 38.64 14.05 -15.75
C SER F 108 39.15 15.07 -14.69
N GLU F 109 38.46 16.21 -14.58
CA GLU F 109 38.76 17.31 -13.65
C GLU F 109 38.38 17.02 -12.18
N GLU F 110 37.53 16.00 -11.97
CA GLU F 110 37.01 15.59 -10.68
C GLU F 110 37.89 14.59 -9.93
N THR F 111 37.98 14.75 -8.60
CA THR F 111 38.63 13.78 -7.71
C THR F 111 37.49 12.78 -7.32
N ARG F 112 37.82 11.62 -6.73
CA ARG F 112 36.83 10.64 -6.29
C ARG F 112 35.85 11.25 -5.25
N SER F 113 36.37 12.13 -4.36
CA SER F 113 35.61 12.87 -3.36
C SER F 113 34.61 13.85 -4.00
N ASP F 114 35.06 14.66 -4.99
CA ASP F 114 34.24 15.64 -5.73
C ASP F 114 33.10 14.97 -6.50
N PHE F 115 33.37 13.79 -7.11
CA PHE F 115 32.39 13.02 -7.87
C PHE F 115 31.30 12.45 -6.96
N ASN F 116 31.72 11.91 -5.80
CA ASN F 116 30.82 11.36 -4.79
C ASN F 116 29.97 12.47 -4.14
N ASP F 117 30.54 13.67 -4.00
CA ASP F 117 29.88 14.89 -3.53
C ASP F 117 28.79 15.32 -4.53
N ARG F 118 29.12 15.29 -5.84
CA ARG F 118 28.20 15.63 -6.94
C ARG F 118 27.02 14.64 -7.02
N CYS F 119 27.32 13.33 -6.85
CA CYS F 119 26.34 12.24 -6.85
C CYS F 119 25.25 12.45 -5.81
N VAL F 120 25.66 12.78 -4.57
CA VAL F 120 24.80 13.03 -3.43
C VAL F 120 23.95 14.30 -3.66
N ARG F 121 24.59 15.39 -4.15
CA ARG F 121 23.99 16.69 -4.45
C ARG F 121 22.91 16.56 -5.55
N VAL F 122 23.20 15.78 -6.61
CA VAL F 122 22.31 15.53 -7.73
C VAL F 122 21.07 14.70 -7.30
N ALA F 123 21.29 13.66 -6.48
CA ALA F 123 20.23 12.80 -5.94
C ALA F 123 19.35 13.57 -4.95
N GLY F 124 19.97 14.46 -4.16
CA GLY F 124 19.31 15.32 -3.19
C GLY F 124 18.42 16.36 -3.86
N ARG F 125 18.91 16.96 -4.95
CA ARG F 125 18.16 17.94 -5.75
C ARG F 125 16.95 17.30 -6.44
N TRP F 126 17.10 16.04 -6.89
CA TRP F 126 16.03 15.25 -7.50
C TRP F 126 14.95 14.94 -6.46
N TYR F 127 15.36 14.44 -5.29
CA TYR F 127 14.47 14.09 -4.18
C TYR F 127 13.64 15.28 -3.72
N ALA F 128 14.29 16.45 -3.54
CA ALA F 128 13.67 17.69 -3.11
C ALA F 128 12.59 18.17 -4.10
N GLN F 129 12.90 18.22 -5.40
CA GLN F 129 11.98 18.66 -6.44
C GLN F 129 10.85 17.65 -6.65
N HIS F 130 11.15 16.34 -6.55
CA HIS F 130 10.22 15.23 -6.72
C HIS F 130 9.16 15.20 -5.60
N LEU F 131 9.61 15.26 -4.32
CA LEU F 131 8.75 15.28 -3.13
C LEU F 131 7.89 16.54 -3.02
N ALA F 132 8.36 17.69 -3.55
CA ALA F 132 7.58 18.94 -3.59
C ALA F 132 6.40 18.78 -4.58
N LEU F 133 6.58 17.99 -5.65
CA LEU F 133 5.55 17.74 -6.65
C LEU F 133 4.57 16.64 -6.24
N ALA F 134 5.09 15.63 -5.52
CA ALA F 134 4.35 14.45 -5.05
C ALA F 134 3.53 14.80 -3.81
N PHE F 135 4.03 15.70 -2.97
CA PHE F 135 3.35 16.16 -1.75
C PHE F 135 3.39 17.67 -1.70
N PRO F 136 2.60 18.36 -2.57
CA PRO F 136 2.62 19.82 -2.55
C PRO F 136 2.05 20.42 -1.28
N ALA F 137 2.40 21.66 -0.97
CA ALA F 137 1.92 22.37 0.20
C ALA F 137 0.36 22.54 0.19
N VAL F 138 -0.24 22.30 1.36
CA VAL F 138 -1.65 22.43 1.65
C VAL F 138 -1.73 23.68 2.51
N THR F 139 -2.33 24.75 1.96
CA THR F 139 -2.46 26.09 2.57
C THR F 139 -2.87 26.06 4.05
N GLY F 140 -1.97 26.57 4.89
CA GLY F 140 -2.15 26.65 6.33
C GLY F 140 -2.18 25.32 7.08
N VAL F 141 -1.91 24.20 6.37
CA VAL F 141 -1.92 22.84 6.92
C VAL F 141 -0.49 22.29 6.97
N ALA F 142 0.17 22.22 5.81
CA ALA F 142 1.52 21.68 5.71
C ALA F 142 2.30 22.23 4.51
N GLU F 143 3.61 22.30 4.71
CA GLU F 143 4.59 22.71 3.70
C GLU F 143 5.03 21.47 2.90
N ILE F 144 5.79 21.66 1.82
CA ILE F 144 6.39 20.59 1.02
C ILE F 144 7.40 19.79 1.88
N PRO F 145 7.68 18.48 1.60
CA PRO F 145 8.67 17.75 2.41
C PRO F 145 10.10 18.32 2.34
N SER F 146 10.85 18.17 3.43
CA SER F 146 12.24 18.65 3.58
C SER F 146 13.26 17.52 3.32
N VAL F 147 14.27 17.83 2.51
CA VAL F 147 15.37 16.91 2.17
C VAL F 147 16.65 17.46 2.80
N VAL F 148 17.35 16.64 3.59
CA VAL F 148 18.61 17.02 4.25
C VAL F 148 19.74 16.09 3.81
N LEU F 149 20.79 16.66 3.19
CA LEU F 149 22.03 15.97 2.85
C LEU F 149 22.86 15.97 4.12
N VAL F 150 23.20 14.78 4.61
CA VAL F 150 23.96 14.65 5.87
C VAL F 150 25.42 14.40 5.52
N SER F 151 26.21 15.50 5.61
CA SER F 151 27.61 15.53 5.21
C SER F 151 28.44 16.59 5.97
N HIS F 152 29.76 16.38 6.08
CA HIS F 152 30.70 17.35 6.65
C HIS F 152 31.14 18.37 5.61
N ASP F 153 30.95 18.04 4.34
CA ASP F 153 31.25 18.89 3.19
C ASP F 153 30.12 19.87 2.93
N LYS F 154 30.44 21.02 2.36
CA LYS F 154 29.46 22.05 2.02
C LYS F 154 28.99 21.73 0.59
N LEU F 155 28.17 20.66 0.48
CA LEU F 155 27.66 20.09 -0.77
C LEU F 155 26.87 21.05 -1.64
N LEU F 156 26.15 22.01 -1.04
CA LEU F 156 25.33 22.97 -1.78
C LEU F 156 25.98 24.35 -1.93
N GLN F 157 27.06 24.63 -1.16
CA GLN F 157 27.81 25.89 -1.20
C GLN F 157 28.85 25.91 -2.33
N SER F 158 28.44 25.50 -3.55
CA SER F 158 29.28 25.46 -4.75
C SER F 158 28.68 26.30 -5.87
N ASN F 168 17.97 28.19 -6.33
CA ASN F 168 18.17 27.41 -5.10
C ASN F 168 16.87 26.76 -4.62
N ILE F 169 16.88 25.41 -4.48
CA ILE F 169 15.75 24.59 -4.00
C ILE F 169 15.57 24.84 -2.50
N SER F 170 14.42 25.41 -2.12
CA SER F 170 14.08 25.82 -0.75
C SER F 170 13.97 24.69 0.27
N ASN F 171 13.48 23.50 -0.14
CA ASN F 171 13.31 22.34 0.72
C ASN F 171 14.50 21.38 0.74
N LEU F 172 15.67 21.84 0.29
CA LEU F 172 16.91 21.09 0.30
C LEU F 172 17.97 21.81 1.14
N SER F 173 18.58 21.10 2.08
CA SER F 173 19.66 21.63 2.91
C SER F 173 20.78 20.61 3.07
N CYS F 174 21.95 21.08 3.55
CA CYS F 174 23.10 20.26 3.83
C CYS F 174 23.62 20.63 5.22
N LEU F 175 23.63 19.64 6.11
CA LEU F 175 24.07 19.78 7.50
C LEU F 175 24.91 18.58 7.88
N THR F 176 25.71 18.70 8.94
CA THR F 176 26.42 17.55 9.49
C THR F 176 25.35 16.80 10.36
N LEU F 177 25.59 15.53 10.73
CA LEU F 177 24.67 14.76 11.57
C LEU F 177 24.38 15.48 12.90
N ARG F 178 25.44 16.08 13.50
CA ARG F 178 25.41 16.87 14.73
C ARG F 178 24.48 18.07 14.58
N GLN F 179 24.65 18.86 13.50
CA GLN F 179 23.85 20.06 13.16
C GLN F 179 22.39 19.72 12.91
N PHE F 180 22.15 18.58 12.23
CA PHE F 180 20.82 18.08 11.95
C PHE F 180 20.09 17.69 13.25
N LEU F 181 20.76 16.88 14.08
CA LEU F 181 20.21 16.39 15.33
C LEU F 181 20.07 17.46 16.40
N ALA F 182 20.94 18.50 16.40
CA ALA F 182 20.87 19.63 17.34
C ALA F 182 19.63 20.47 17.00
N GLY F 183 19.36 20.66 15.70
CA GLY F 183 18.19 21.37 15.19
C GLY F 183 16.88 20.68 15.55
N CYS F 184 16.90 19.33 15.57
CA CYS F 184 15.79 18.47 15.98
C CYS F 184 15.47 18.66 17.48
N VAL F 185 16.51 18.73 18.32
CA VAL F 185 16.41 18.95 19.77
C VAL F 185 15.86 20.34 20.07
N THR F 186 16.33 21.37 19.33
CA THR F 186 15.90 22.78 19.42
C THR F 186 14.41 22.92 19.08
N ALA F 187 13.95 22.24 18.01
CA ALA F 187 12.55 22.24 17.56
C ALA F 187 11.63 21.58 18.60
N GLY F 188 12.11 20.51 19.24
CA GLY F 188 11.39 19.82 20.30
C GLY F 188 11.27 20.63 21.58
N THR F 189 12.34 21.35 21.94
CA THR F 189 12.41 22.22 23.12
C THR F 189 11.45 23.40 22.92
N ASP F 190 11.44 24.00 21.72
CA ASP F 190 10.58 25.12 21.32
C ASP F 190 9.10 24.75 21.43
N LEU F 191 8.77 23.51 21.01
CA LEU F 191 7.41 22.96 21.05
C LEU F 191 6.95 22.74 22.50
N LEU F 192 7.84 22.19 23.34
CA LEU F 192 7.56 21.96 24.75
C LEU F 192 7.36 23.28 25.51
N GLU F 193 8.14 24.33 25.16
CA GLU F 193 8.01 25.67 25.76
C GLU F 193 6.69 26.33 25.40
N MET F 194 6.22 26.10 24.15
CA MET F 194 4.96 26.59 23.57
C MET F 194 3.75 26.07 24.36
N ILE F 195 3.74 24.78 24.73
CA ILE F 195 2.64 24.16 25.46
C ILE F 195 2.66 24.56 26.94
N LEU F 196 3.86 24.83 27.50
CA LEU F 196 4.04 25.23 28.89
C LEU F 196 3.66 26.71 29.11
N GLU F 197 3.64 27.53 28.03
CA GLU F 197 3.22 28.95 28.04
C GLU F 197 1.74 29.08 28.48
N HIS F 198 0.88 28.15 27.99
CA HIS F 198 -0.55 28.08 28.31
C HIS F 198 -0.93 26.67 28.79
#